data_5WU4
#
_entry.id   5WU4
#
_cell.length_a   77.660
_cell.length_b   88.560
_cell.length_c   93.820
_cell.angle_alpha   90.000
_cell.angle_beta   98.660
_cell.angle_gamma   90.000
#
_symmetry.space_group_name_H-M   'P 1 21 1'
#
loop_
_entity.id
_entity.type
_entity.pdbx_description
1 polymer 'Speckle targeted PIP5K1A-regulated poly(A) polymerase'
2 non-polymer "ADENOSINE-5'-TRIPHOSPHATE"
3 non-polymer 'MAGNESIUM ION'
4 non-polymer 'CHLORIDE ION'
5 water water
#
_entity_poly.entity_id   1
_entity_poly.type   'polypeptide(L)'
_entity_poly.pdbx_seq_one_letter_code
;MGAAPDSHQLAKALAEAADVGAQMIKLVGLRELSEAERQLRSLVVALMQEVFTEFFPGCVVHPFGSSINSFDVHGCDLDL
FLDLGDLEEPQPVPKLPPASPLLEDREEGDLGKASELAETPKEEKAEGAAMLELVGSILRGCVPGVYRVQTVPSARRPVV
KFAHRPSGLHGDVSLSNRLALHNSRFLSLCSELDGRVRPLVYTLRAWAQGRGLSGSGPLLSNYALTLLVIYFLQTRDPPV
LPTVSQLTQKAGEGEQVEVDGWDCSFPRDASRLEPSINVEPLSSLLAQFFSAVSSWDLRGSLLSLREGQALPVAGGLPSN
LWEGLRLGPLNLQDPFDLSHNVAANVTSRVAGRLQNCCRAAANYCRSLQYQRRSSRGRDWGLLPLLQPSSPSSLLSATPI
PLPLAPFTQLTAALVQVFREALGCHIEQATKRTRSEGGGTGQGEAGKGASLPSSASWRCALWHRVWQGRRRARRRLQQQT
KEGAGGGAGTRAGWLATEAQVTQELKGLSGGEERPETEPLLSFVASVSPADRMLTVTPLQDPQGLFPDLHHFLQVFLPQA
IRHLKLEHHHHHH
;
_entity_poly.pdbx_strand_id   A,B
#
# COMPACT_ATOMS: atom_id res chain seq x y z
N ASP A 6 12.92 -13.43 28.55
CA ASP A 6 13.82 -12.51 27.85
C ASP A 6 14.48 -11.52 28.81
N SER A 7 13.75 -11.11 29.83
CA SER A 7 14.22 -10.09 30.78
C SER A 7 15.55 -10.46 31.44
N HIS A 8 15.86 -11.76 31.44
CA HIS A 8 17.16 -12.24 31.89
C HIS A 8 18.13 -12.22 30.72
N GLN A 9 17.80 -12.99 29.69
CA GLN A 9 18.61 -13.07 28.46
C GLN A 9 18.96 -11.70 27.88
N LEU A 10 17.95 -10.84 27.75
CA LEU A 10 18.15 -9.50 27.18
C LEU A 10 19.05 -8.65 28.06
N ALA A 11 18.87 -8.76 29.37
CA ALA A 11 19.67 -7.98 30.32
C ALA A 11 21.16 -8.31 30.23
N LYS A 12 21.47 -9.61 30.26
CA LYS A 12 22.86 -10.03 30.18
C LYS A 12 23.41 -9.83 28.77
N ALA A 13 22.53 -9.82 27.78
CA ALA A 13 22.96 -9.57 26.41
C ALA A 13 23.40 -8.12 26.24
N LEU A 14 22.64 -7.20 26.82
CA LEU A 14 22.96 -5.79 26.77
C LEU A 14 24.13 -5.46 27.70
N ALA A 15 24.29 -6.25 28.74
CA ALA A 15 25.38 -6.03 29.70
C ALA A 15 26.74 -6.35 29.08
N GLU A 16 26.76 -7.34 28.19
CA GLU A 16 28.00 -7.79 27.57
C GLU A 16 28.44 -6.91 26.40
N ALA A 17 27.58 -5.99 25.99
CA ALA A 17 27.88 -5.13 24.83
C ALA A 17 29.05 -4.20 25.11
N ALA A 18 29.70 -3.74 24.04
CA ALA A 18 30.86 -2.86 24.16
C ALA A 18 30.48 -1.49 24.72
N ASP A 19 29.50 -0.86 24.11
CA ASP A 19 29.08 0.48 24.51
C ASP A 19 27.57 0.69 24.38
N VAL A 20 27.11 1.92 24.59
CA VAL A 20 25.70 2.25 24.54
C VAL A 20 25.10 2.01 23.16
N GLY A 21 25.82 2.45 22.13
CA GLY A 21 25.39 2.24 20.75
C GLY A 21 25.25 0.77 20.43
N ALA A 22 26.23 -0.01 20.85
CA ALA A 22 26.20 -1.46 20.67
C ALA A 22 25.02 -2.07 21.42
N GLN A 23 24.67 -1.47 22.55
CA GLN A 23 23.52 -1.92 23.34
C GLN A 23 22.21 -1.66 22.59
N MET A 24 22.11 -0.50 21.96
CA MET A 24 20.90 -0.14 21.23
C MET A 24 20.73 -0.99 19.98
N ILE A 25 21.83 -1.21 19.28
CA ILE A 25 21.85 -2.06 18.10
C ILE A 25 21.47 -3.50 18.46
N LYS A 26 22.11 -4.02 19.51
CA LYS A 26 21.82 -5.37 19.99
C LYS A 26 20.35 -5.47 20.43
N LEU A 27 19.83 -4.38 20.98
CA LEU A 27 18.43 -4.31 21.39
C LEU A 27 17.53 -4.47 20.17
N VAL A 28 17.85 -3.75 19.10
CA VAL A 28 17.12 -3.90 17.84
C VAL A 28 17.17 -5.33 17.33
N GLY A 29 18.38 -5.89 17.30
CA GLY A 29 18.59 -7.24 16.82
C GLY A 29 17.81 -8.29 17.59
N LEU A 30 17.66 -8.05 18.90
CA LEU A 30 16.95 -8.98 19.77
C LEU A 30 15.43 -8.83 19.71
N ARG A 31 14.94 -7.60 19.65
CA ARG A 31 13.49 -7.38 19.74
C ARG A 31 12.75 -7.56 18.42
N GLU A 32 13.44 -7.47 17.30
CA GLU A 32 12.79 -7.51 15.99
C GLU A 32 12.33 -8.92 15.62
N LEU A 33 11.34 -8.98 14.72
CA LEU A 33 10.79 -10.26 14.27
C LEU A 33 11.83 -11.06 13.48
N SER A 34 11.92 -12.35 13.78
CA SER A 34 12.80 -13.26 13.05
C SER A 34 12.20 -13.59 11.69
N GLU A 35 12.90 -14.38 10.89
CA GLU A 35 12.42 -14.73 9.56
C GLU A 35 11.19 -15.63 9.63
N ALA A 36 11.17 -16.52 10.62
CA ALA A 36 10.05 -17.44 10.79
C ALA A 36 8.77 -16.70 11.15
N GLU A 37 8.90 -15.65 11.95
CA GLU A 37 7.75 -14.83 12.35
C GLU A 37 7.19 -14.09 11.14
N ARG A 38 8.07 -13.58 10.30
CA ARG A 38 7.66 -12.88 9.09
C ARG A 38 7.02 -13.83 8.08
N GLN A 39 7.55 -15.04 7.99
CA GLN A 39 6.96 -16.06 7.14
C GLN A 39 5.57 -16.44 7.62
N LEU A 40 5.42 -16.50 8.95
CA LEU A 40 4.14 -16.83 9.57
C LEU A 40 3.10 -15.75 9.27
N ARG A 41 3.51 -14.50 9.47
CA ARG A 41 2.65 -13.35 9.18
C ARG A 41 2.27 -13.32 7.70
N SER A 42 3.23 -13.65 6.84
CA SER A 42 2.97 -13.74 5.40
C SER A 42 1.95 -14.84 5.08
N LEU A 43 2.02 -15.94 5.82
CA LEU A 43 1.06 -17.03 5.66
C LEU A 43 -0.35 -16.56 6.01
N VAL A 44 -0.47 -15.90 7.16
CA VAL A 44 -1.77 -15.40 7.60
C VAL A 44 -2.35 -14.38 6.62
N VAL A 45 -1.53 -13.40 6.25
CA VAL A 45 -1.93 -12.39 5.27
C VAL A 45 -2.36 -13.04 3.96
N ALA A 46 -1.66 -14.11 3.56
CA ALA A 46 -2.01 -14.84 2.36
C ALA A 46 -3.38 -15.51 2.49
N LEU A 47 -3.67 -16.05 3.67
CA LEU A 47 -4.97 -16.68 3.93
C LEU A 47 -6.11 -15.67 3.85
N MET A 48 -5.97 -14.58 4.60
CA MET A 48 -6.93 -13.48 4.60
C MET A 48 -7.17 -12.99 3.17
N GLN A 49 -6.08 -12.89 2.42
CA GLN A 49 -6.12 -12.50 1.02
C GLN A 49 -6.95 -13.48 0.21
N GLU A 50 -6.76 -14.76 0.47
CA GLU A 50 -7.49 -15.81 -0.25
C GLU A 50 -9.00 -15.70 -0.03
N VAL A 51 -9.41 -15.65 1.24
CA VAL A 51 -10.83 -15.59 1.57
C VAL A 51 -11.47 -14.29 1.07
N PHE A 52 -10.81 -13.17 1.34
CA PHE A 52 -11.31 -11.87 0.89
C PHE A 52 -11.37 -11.78 -0.63
N THR A 53 -10.51 -12.54 -1.30
CA THR A 53 -10.55 -12.64 -2.76
C THR A 53 -11.79 -13.44 -3.17
N GLU A 54 -12.05 -14.52 -2.45
CA GLU A 54 -13.25 -15.33 -2.67
C GLU A 54 -14.50 -14.47 -2.55
N PHE A 55 -14.44 -13.49 -1.66
CA PHE A 55 -15.55 -12.57 -1.44
C PHE A 55 -15.48 -11.35 -2.36
N PHE A 56 -14.36 -10.63 -2.31
CA PHE A 56 -14.21 -9.38 -3.04
C PHE A 56 -13.16 -9.54 -4.14
N PRO A 57 -13.60 -9.92 -5.35
CA PRO A 57 -12.68 -10.14 -6.47
C PRO A 57 -11.87 -8.88 -6.81
N GLY A 58 -10.56 -9.02 -6.91
CA GLY A 58 -9.70 -7.91 -7.23
C GLY A 58 -9.23 -7.14 -6.00
N CYS A 59 -9.70 -7.54 -4.83
CA CYS A 59 -9.31 -6.87 -3.59
C CYS A 59 -7.86 -7.21 -3.26
N VAL A 60 -7.19 -6.29 -2.56
CA VAL A 60 -5.82 -6.53 -2.13
C VAL A 60 -5.68 -6.28 -0.63
N VAL A 61 -5.12 -7.25 0.08
CA VAL A 61 -4.85 -7.09 1.49
C VAL A 61 -3.46 -6.49 1.68
N HIS A 62 -3.41 -5.28 2.23
CA HIS A 62 -2.14 -4.57 2.40
C HIS A 62 -1.70 -4.56 3.85
N PRO A 63 -0.62 -5.28 4.17
CA PRO A 63 -0.06 -5.18 5.52
C PRO A 63 0.48 -3.78 5.76
N PHE A 64 0.11 -3.18 6.90
CA PHE A 64 0.61 -1.86 7.25
C PHE A 64 0.96 -1.82 8.74
N GLY A 65 1.63 -0.76 9.15
CA GLY A 65 2.01 -0.61 10.54
C GLY A 65 3.29 -1.32 10.93
N SER A 66 3.31 -1.84 12.15
CA SER A 66 4.50 -2.43 12.75
C SER A 66 5.16 -3.51 11.90
N SER A 67 4.34 -4.22 11.12
CA SER A 67 4.87 -5.26 10.24
C SER A 67 5.80 -4.72 9.16
N ILE A 68 5.34 -3.72 8.41
CA ILE A 68 6.11 -3.20 7.28
C ILE A 68 6.92 -1.92 7.55
N ASN A 69 6.81 -1.36 8.76
CA ASN A 69 7.45 -0.07 9.03
C ASN A 69 8.86 -0.18 9.64
N SER A 70 9.36 -1.42 9.70
CA SER A 70 10.72 -1.75 10.15
C SER A 70 10.90 -1.61 11.67
N PHE A 71 9.86 -1.14 12.35
CA PHE A 71 9.91 -0.98 13.80
C PHE A 71 9.33 -2.18 14.54
N ASP A 72 9.06 -3.24 13.79
CA ASP A 72 8.48 -4.48 14.30
C ASP A 72 9.20 -5.05 15.52
N VAL A 73 8.40 -5.54 16.48
CA VAL A 73 8.93 -6.24 17.65
C VAL A 73 8.15 -7.54 17.85
N HIS A 74 8.67 -8.43 18.71
CA HIS A 74 8.04 -9.71 18.97
C HIS A 74 6.62 -9.55 19.53
N GLY A 75 5.66 -10.22 18.91
CA GLY A 75 4.30 -10.23 19.40
C GLY A 75 3.50 -8.99 19.04
N CYS A 76 3.98 -8.23 18.07
CA CYS A 76 3.28 -7.01 17.66
C CYS A 76 2.04 -7.33 16.83
N ASP A 77 1.13 -6.36 16.77
CA ASP A 77 -0.10 -6.52 16.01
C ASP A 77 0.17 -6.75 14.52
N LEU A 78 -0.73 -7.50 13.90
CA LEU A 78 -0.73 -7.62 12.45
C LEU A 78 -1.86 -6.77 11.90
N ASP A 79 -1.51 -5.64 11.29
CA ASP A 79 -2.51 -4.69 10.83
C ASP A 79 -2.72 -4.78 9.33
N LEU A 80 -3.96 -5.05 8.94
CA LEU A 80 -4.28 -5.24 7.52
C LEU A 80 -5.26 -4.19 7.02
N PHE A 81 -4.96 -3.64 5.85
CA PHE A 81 -5.85 -2.71 5.17
C PHE A 81 -6.46 -3.38 3.94
N LEU A 82 -7.77 -3.51 3.91
CA LEU A 82 -8.41 -4.19 2.79
C LEU A 82 -8.80 -3.19 1.71
N ASP A 83 -8.11 -3.29 0.57
CA ASP A 83 -8.37 -2.39 -0.55
C ASP A 83 -9.31 -3.04 -1.55
N LEU A 84 -10.38 -2.34 -1.90
CA LEU A 84 -11.38 -2.87 -2.81
C LEU A 84 -11.24 -2.27 -4.21
N GLU A 119 -25.90 13.94 -3.79
CA GLU A 119 -26.63 13.54 -2.60
C GLU A 119 -25.84 12.50 -1.80
N THR A 120 -24.73 12.94 -1.22
CA THR A 120 -23.89 12.06 -0.40
C THR A 120 -23.60 12.68 0.97
N PRO A 121 -24.56 12.54 1.90
CA PRO A 121 -24.58 13.08 3.26
C PRO A 121 -23.83 12.20 4.27
N LYS A 122 -24.03 12.49 5.55
CA LYS A 122 -23.42 11.74 6.65
C LYS A 122 -23.69 10.24 6.56
N GLU A 123 -24.70 9.86 5.78
CA GLU A 123 -25.06 8.46 5.55
C GLU A 123 -23.88 7.61 5.09
N GLU A 124 -22.92 8.24 4.40
CA GLU A 124 -21.73 7.56 3.91
C GLU A 124 -20.91 6.96 5.06
N LYS A 125 -21.08 7.52 6.25
CA LYS A 125 -20.50 6.95 7.45
C LYS A 125 -21.18 5.62 7.74
N ALA A 126 -22.51 5.66 7.83
CA ALA A 126 -23.32 4.48 8.12
C ALA A 126 -23.01 3.36 7.14
N GLU A 127 -23.06 3.69 5.85
CA GLU A 127 -22.69 2.75 4.79
C GLU A 127 -21.36 2.10 5.11
N GLY A 128 -20.37 2.93 5.42
CA GLY A 128 -19.05 2.44 5.78
C GLY A 128 -19.16 1.41 6.88
N ALA A 129 -19.85 1.79 7.96
CA ALA A 129 -20.06 0.90 9.09
C ALA A 129 -20.63 -0.43 8.63
N ALA A 130 -21.65 -0.36 7.77
CA ALA A 130 -22.27 -1.56 7.24
C ALA A 130 -21.20 -2.45 6.63
N MET A 131 -20.42 -1.87 5.71
CA MET A 131 -19.40 -2.63 5.01
C MET A 131 -18.45 -3.25 6.03
N LEU A 132 -18.14 -2.49 7.08
CA LEU A 132 -17.23 -2.97 8.10
C LEU A 132 -17.77 -4.27 8.67
N GLU A 133 -19.03 -4.25 9.10
CA GLU A 133 -19.64 -5.44 9.68
C GLU A 133 -19.60 -6.59 8.69
N LEU A 134 -19.81 -6.27 7.42
CA LEU A 134 -19.77 -7.28 6.37
C LEU A 134 -18.44 -8.01 6.45
N VAL A 135 -17.37 -7.23 6.45
CA VAL A 135 -16.02 -7.79 6.54
C VAL A 135 -15.90 -8.67 7.78
N GLY A 136 -16.44 -8.16 8.89
CA GLY A 136 -16.41 -8.89 10.15
C GLY A 136 -17.09 -10.24 9.99
N SER A 137 -18.25 -10.24 9.34
CA SER A 137 -19.02 -11.47 9.18
C SER A 137 -18.25 -12.46 8.30
N ILE A 138 -17.34 -11.95 7.48
CA ILE A 138 -16.50 -12.82 6.68
C ILE A 138 -15.41 -13.42 7.55
N LEU A 139 -14.83 -12.60 8.42
CA LEU A 139 -13.75 -13.04 9.28
C LEU A 139 -14.24 -14.06 10.31
N ARG A 140 -15.42 -13.81 10.86
CA ARG A 140 -15.95 -14.65 11.93
C ARG A 140 -16.24 -16.08 11.48
N GLY A 141 -16.97 -16.23 10.38
CA GLY A 141 -17.43 -17.55 9.96
C GLY A 141 -16.81 -18.23 8.75
N CYS A 142 -15.90 -17.56 8.05
CA CYS A 142 -15.38 -18.13 6.80
C CYS A 142 -13.94 -18.63 6.91
N VAL A 143 -12.99 -17.70 6.99
CA VAL A 143 -11.58 -18.06 7.12
C VAL A 143 -11.36 -18.89 8.38
N PRO A 144 -10.68 -20.04 8.24
CA PRO A 144 -10.51 -20.98 9.35
C PRO A 144 -9.51 -20.51 10.40
N GLY A 145 -9.80 -20.80 11.67
CA GLY A 145 -8.86 -20.57 12.74
C GLY A 145 -8.80 -19.15 13.29
N VAL A 146 -9.65 -18.26 12.78
CA VAL A 146 -9.68 -16.90 13.30
C VAL A 146 -10.87 -16.70 14.23
N TYR A 147 -10.60 -16.16 15.41
CA TYR A 147 -11.61 -15.95 16.43
C TYR A 147 -11.39 -14.61 17.09
N ARG A 148 -12.14 -14.34 18.17
CA ARG A 148 -12.08 -13.04 18.85
C ARG A 148 -12.36 -11.91 17.88
N VAL A 149 -13.26 -12.16 16.93
CA VAL A 149 -13.58 -11.16 15.92
C VAL A 149 -14.51 -10.12 16.54
N GLN A 150 -14.05 -8.88 16.57
CA GLN A 150 -14.79 -7.82 17.25
C GLN A 150 -14.85 -6.57 16.38
N THR A 151 -16.06 -6.16 16.01
CA THR A 151 -16.24 -4.97 15.19
C THR A 151 -16.16 -3.69 16.02
N VAL A 152 -15.33 -2.76 15.58
CA VAL A 152 -15.18 -1.48 16.24
C VAL A 152 -15.48 -0.33 15.28
N PRO A 153 -16.77 -0.04 15.05
CA PRO A 153 -17.23 1.12 14.29
C PRO A 153 -17.08 2.44 15.06
N SER A 154 -17.00 2.33 16.39
CA SER A 154 -17.04 3.49 17.27
C SER A 154 -15.69 4.23 17.32
N ALA A 155 -14.63 3.55 16.88
CA ALA A 155 -13.30 4.13 16.91
C ALA A 155 -13.19 5.28 15.91
N ARG A 156 -12.20 6.13 16.11
CA ARG A 156 -11.87 7.19 15.17
C ARG A 156 -11.70 6.60 13.77
N ARG A 157 -10.73 5.71 13.64
CA ARG A 157 -10.57 4.90 12.44
C ARG A 157 -11.27 3.56 12.66
N PRO A 158 -12.42 3.35 11.98
CA PRO A 158 -13.22 2.12 12.11
C PRO A 158 -12.40 0.89 11.77
N VAL A 159 -12.48 -0.15 12.60
CA VAL A 159 -11.63 -1.31 12.37
C VAL A 159 -12.22 -2.61 12.92
N VAL A 160 -11.77 -3.75 12.41
CA VAL A 160 -12.24 -5.04 12.91
C VAL A 160 -11.11 -5.84 13.56
N LYS A 161 -11.17 -5.99 14.89
CA LYS A 161 -10.17 -6.77 15.60
C LYS A 161 -10.36 -8.25 15.35
N PHE A 162 -9.25 -9.00 15.30
CA PHE A 162 -9.30 -10.43 15.04
C PHE A 162 -8.08 -11.14 15.63
N ALA A 163 -8.22 -12.46 15.82
CA ALA A 163 -7.11 -13.29 16.25
C ALA A 163 -7.08 -14.62 15.51
N HIS A 164 -5.98 -14.89 14.81
CA HIS A 164 -5.74 -16.19 14.19
C HIS A 164 -5.13 -17.14 15.21
N ARG A 165 -5.85 -18.23 15.48
CA ARG A 165 -5.50 -19.17 16.55
C ARG A 165 -4.22 -19.98 16.33
N PRO A 166 -4.06 -20.66 15.18
CA PRO A 166 -2.87 -21.51 15.04
C PRO A 166 -1.56 -20.73 15.08
N SER A 167 -1.52 -19.58 14.41
CA SER A 167 -0.31 -18.76 14.38
C SER A 167 -0.16 -17.98 15.68
N GLY A 168 -1.23 -17.92 16.47
CA GLY A 168 -1.23 -17.14 17.69
C GLY A 168 -1.05 -15.67 17.40
N LEU A 169 -1.69 -15.20 16.34
CA LEU A 169 -1.53 -13.82 15.89
C LEU A 169 -2.81 -13.03 16.13
N HIS A 170 -2.68 -11.71 16.29
CA HIS A 170 -3.85 -10.86 16.43
C HIS A 170 -3.64 -9.53 15.70
N GLY A 171 -4.73 -8.82 15.43
CA GLY A 171 -4.61 -7.55 14.76
C GLY A 171 -5.91 -6.92 14.32
N ASP A 172 -5.82 -6.04 13.34
CA ASP A 172 -6.96 -5.24 12.90
C ASP A 172 -7.10 -5.22 11.38
N VAL A 173 -8.34 -5.34 10.91
CA VAL A 173 -8.65 -5.15 9.50
C VAL A 173 -9.34 -3.81 9.31
N SER A 174 -8.67 -2.91 8.59
CA SER A 174 -9.20 -1.58 8.33
C SER A 174 -9.71 -1.50 6.90
N LEU A 175 -10.98 -1.16 6.73
CA LEU A 175 -11.55 -1.03 5.39
C LEU A 175 -10.93 0.16 4.69
N SER A 176 -10.99 1.32 5.32
CA SER A 176 -10.16 2.42 4.83
C SER A 176 -9.34 3.08 5.92
N ASN A 177 -8.05 2.79 5.92
CA ASN A 177 -7.05 3.76 6.29
C ASN A 177 -5.99 3.65 5.21
N ARG A 178 -5.97 4.59 4.28
CA ARG A 178 -4.99 4.55 3.20
C ARG A 178 -3.69 5.23 3.61
N LEU A 179 -3.84 6.28 4.41
CA LEU A 179 -2.71 7.06 4.91
C LEU A 179 -1.72 6.18 5.68
N ALA A 180 -2.26 5.21 6.41
CA ALA A 180 -1.46 4.30 7.23
C ALA A 180 -0.40 3.60 6.39
N LEU A 181 -0.79 3.16 5.21
CA LEU A 181 0.15 2.58 4.24
C LEU A 181 1.32 3.52 3.99
N HIS A 182 1.02 4.70 3.46
CA HIS A 182 2.03 5.66 3.06
C HIS A 182 2.93 6.15 4.18
N ASN A 183 2.39 6.34 5.38
CA ASN A 183 3.23 6.79 6.48
C ASN A 183 4.01 5.63 7.11
N SER A 184 3.53 4.40 6.90
CA SER A 184 4.33 3.23 7.25
C SER A 184 5.55 3.16 6.34
N ARG A 185 5.31 3.30 5.03
CA ARG A 185 6.37 3.41 4.05
C ARG A 185 7.32 4.56 4.40
N PHE A 186 6.76 5.62 4.95
CA PHE A 186 7.54 6.78 5.36
C PHE A 186 8.44 6.43 6.53
N LEU A 187 7.93 5.61 7.46
CA LEU A 187 8.71 5.18 8.61
C LEU A 187 9.88 4.31 8.16
N SER A 188 9.59 3.30 7.34
CA SER A 188 10.64 2.41 6.84
C SER A 188 11.67 3.18 6.02
N LEU A 189 11.19 4.16 5.25
CA LEU A 189 12.09 5.01 4.47
C LEU A 189 12.98 5.82 5.38
N CYS A 190 12.42 6.30 6.49
CA CYS A 190 13.20 7.04 7.48
C CYS A 190 14.27 6.14 8.07
N SER A 191 13.95 4.87 8.27
CA SER A 191 14.92 3.89 8.74
C SER A 191 16.03 3.70 7.71
N GLU A 192 15.67 3.72 6.42
CA GLU A 192 16.66 3.54 5.36
C GLU A 192 17.53 4.77 5.18
N LEU A 193 17.02 5.93 5.57
CA LEU A 193 17.72 7.20 5.35
C LEU A 193 18.91 7.38 6.30
N ASP A 194 18.76 6.93 7.53
CA ASP A 194 19.86 6.94 8.48
C ASP A 194 19.83 5.67 9.32
N GLY A 195 21.00 5.07 9.50
CA GLY A 195 21.10 3.81 10.23
C GLY A 195 20.86 3.91 11.72
N ARG A 196 20.89 5.12 12.25
CA ARG A 196 20.72 5.34 13.69
C ARG A 196 19.24 5.39 14.09
N VAL A 197 18.37 5.58 13.11
CA VAL A 197 16.94 5.75 13.35
C VAL A 197 16.32 4.55 14.08
N ARG A 198 16.59 3.35 13.59
CA ARG A 198 16.03 2.15 14.19
C ARG A 198 16.54 1.90 15.61
N PRO A 199 17.86 2.00 15.85
CA PRO A 199 18.30 1.86 17.24
C PRO A 199 17.67 2.90 18.17
N LEU A 200 17.62 4.15 17.71
CA LEU A 200 17.03 5.22 18.50
C LEU A 200 15.58 4.93 18.86
N VAL A 201 14.78 4.62 17.84
CA VAL A 201 13.35 4.37 18.02
C VAL A 201 13.08 3.15 18.88
N TYR A 202 13.82 2.07 18.66
CA TYR A 202 13.65 0.87 19.47
C TYR A 202 13.96 1.14 20.94
N THR A 203 15.12 1.75 21.19
CA THR A 203 15.53 2.07 22.55
C THR A 203 14.52 2.99 23.26
N LEU A 204 14.09 4.03 22.55
CA LEU A 204 13.16 5.00 23.13
C LEU A 204 11.76 4.43 23.33
N ARG A 205 11.37 3.47 22.50
CA ARG A 205 10.09 2.79 22.67
C ARG A 205 10.13 1.92 23.92
N ALA A 206 11.21 1.14 24.05
CA ALA A 206 11.39 0.30 25.22
C ALA A 206 11.40 1.14 26.50
N TRP A 207 12.13 2.25 26.45
CA TRP A 207 12.19 3.18 27.57
C TRP A 207 10.83 3.79 27.90
N ALA A 208 10.07 4.14 26.86
CA ALA A 208 8.78 4.78 27.05
C ALA A 208 7.77 3.83 27.68
N GLN A 209 7.74 2.59 27.18
CA GLN A 209 6.82 1.60 27.73
C GLN A 209 7.30 1.16 29.12
N GLY A 210 8.59 1.35 29.39
CA GLY A 210 9.14 1.06 30.70
C GLY A 210 8.81 2.13 31.70
N ARG A 211 8.67 3.37 31.23
CA ARG A 211 8.34 4.49 32.09
C ARG A 211 6.85 4.77 32.12
N GLY A 212 6.08 3.94 31.41
CA GLY A 212 4.63 4.06 31.40
C GLY A 212 4.12 5.23 30.59
N LEU A 213 4.88 5.62 29.58
CA LEU A 213 4.53 6.76 28.74
C LEU A 213 3.73 6.38 27.49
N SER A 214 3.61 5.07 27.24
CA SER A 214 2.96 4.61 26.02
C SER A 214 1.93 3.52 26.26
N GLY A 215 0.76 3.66 25.64
CA GLY A 215 -0.32 2.70 25.83
C GLY A 215 -1.65 3.10 25.23
N SER A 216 -2.72 2.45 25.71
CA SER A 216 -4.07 2.61 25.17
C SER A 216 -4.80 3.85 25.67
N GLY A 217 -4.50 4.26 26.91
CA GLY A 217 -5.17 5.40 27.52
C GLY A 217 -4.61 6.68 26.93
N PRO A 218 -4.73 7.80 27.65
CA PRO A 218 -4.12 8.98 27.02
C PRO A 218 -2.59 9.00 27.15
N LEU A 219 -2.00 7.83 26.92
CA LEU A 219 -0.57 7.67 26.73
C LEU A 219 -0.22 7.89 25.26
N LEU A 220 1.03 8.26 25.00
CA LEU A 220 1.54 8.32 23.63
C LEU A 220 1.41 6.97 22.94
N SER A 221 0.97 6.97 21.69
CA SER A 221 1.00 5.76 20.88
C SER A 221 2.44 5.54 20.39
N ASN A 222 2.77 4.30 20.06
CA ASN A 222 4.10 3.99 19.55
C ASN A 222 4.38 4.76 18.26
N TYR A 223 3.33 4.98 17.47
CA TYR A 223 3.44 5.77 16.25
C TYR A 223 3.73 7.23 16.57
N ALA A 224 3.04 7.77 17.58
CA ALA A 224 3.27 9.14 18.01
C ALA A 224 4.69 9.30 18.55
N LEU A 225 5.14 8.37 19.39
CA LEU A 225 6.49 8.42 19.93
C LEU A 225 7.53 8.36 18.82
N THR A 226 7.28 7.48 17.85
CA THR A 226 8.15 7.34 16.69
C THR A 226 8.24 8.67 15.93
N LEU A 227 7.09 9.32 15.75
CA LEU A 227 7.05 10.60 15.07
C LEU A 227 7.77 11.69 15.87
N LEU A 228 7.78 11.53 17.20
CA LEU A 228 8.49 12.48 18.06
C LEU A 228 10.00 12.29 17.91
N VAL A 229 10.42 11.04 17.80
CA VAL A 229 11.83 10.72 17.56
C VAL A 229 12.29 11.25 16.21
N ILE A 230 11.48 11.00 15.18
CA ILE A 230 11.77 11.47 13.84
C ILE A 230 11.82 13.00 13.81
N TYR A 231 10.90 13.65 14.51
CA TYR A 231 10.91 15.11 14.60
C TYR A 231 12.19 15.58 15.27
N PHE A 232 12.61 14.87 16.31
CA PHE A 232 13.85 15.19 17.01
C PHE A 232 15.06 15.08 16.08
N LEU A 233 15.08 14.04 15.27
CA LEU A 233 16.18 13.82 14.33
C LEU A 233 16.18 14.84 13.20
N GLN A 234 14.99 15.34 12.87
CA GLN A 234 14.86 16.35 11.83
C GLN A 234 15.31 17.72 12.32
N THR A 235 15.25 17.93 13.63
CA THR A 235 15.52 19.23 14.22
C THR A 235 16.95 19.41 14.73
N ARG A 236 17.80 18.40 14.57
CA ARG A 236 19.19 18.51 14.98
C ARG A 236 19.92 19.51 14.09
N ASP A 237 20.95 20.15 14.63
CA ASP A 237 21.61 21.26 13.93
C ASP A 237 22.15 20.80 12.57
N PRO A 238 23.11 19.84 12.53
CA PRO A 238 23.02 19.12 11.27
C PRO A 238 21.81 18.18 11.32
N PRO A 239 20.97 18.17 10.27
CA PRO A 239 19.82 17.26 10.31
C PRO A 239 20.23 15.78 10.15
N VAL A 240 19.70 14.92 10.98
CA VAL A 240 19.87 13.48 10.80
C VAL A 240 18.91 13.00 9.72
N LEU A 241 17.67 13.45 9.81
CA LEU A 241 16.63 13.09 8.84
C LEU A 241 16.10 14.33 8.13
N PRO A 242 15.75 14.19 6.85
CA PRO A 242 15.15 15.29 6.09
C PRO A 242 13.68 15.51 6.44
N THR A 243 13.18 16.71 6.19
CA THR A 243 11.77 17.00 6.44
C THR A 243 10.89 16.34 5.36
N VAL A 244 9.61 16.15 5.70
CA VAL A 244 8.67 15.54 4.77
C VAL A 244 8.40 16.46 3.59
N SER A 245 8.54 17.76 3.81
CA SER A 245 8.42 18.73 2.72
C SER A 245 9.53 18.49 1.69
N GLN A 246 10.75 18.32 2.18
CA GLN A 246 11.90 18.05 1.31
C GLN A 246 11.73 16.75 0.53
N LEU A 247 11.20 15.73 1.19
CA LEU A 247 10.96 14.45 0.53
C LEU A 247 9.87 14.60 -0.53
N THR A 248 8.88 15.42 -0.23
CA THR A 248 7.79 15.70 -1.16
C THR A 248 8.33 16.43 -2.38
N GLN A 249 9.30 17.30 -2.16
CA GLN A 249 9.96 18.03 -3.25
C GLN A 249 10.80 17.08 -4.10
N LYS A 250 11.45 16.12 -3.44
CA LYS A 250 12.27 15.14 -4.14
C LYS A 250 11.43 14.37 -5.15
N ALA A 251 10.37 13.71 -4.66
CA ALA A 251 9.29 13.21 -5.52
C ALA A 251 9.81 12.36 -6.68
N GLY A 252 9.63 12.89 -7.88
CA GLY A 252 9.95 12.19 -9.10
C GLY A 252 8.71 11.85 -9.91
N GLU A 253 8.90 11.69 -11.21
CA GLU A 253 7.79 11.51 -12.15
C GLU A 253 7.00 10.25 -11.89
N GLY A 254 5.67 10.41 -11.77
CA GLY A 254 4.78 9.28 -11.60
C GLY A 254 4.70 8.76 -10.17
N GLU A 255 5.62 9.20 -9.33
CA GLU A 255 5.63 8.76 -7.92
C GLU A 255 4.72 9.65 -7.07
N GLN A 256 4.06 10.60 -7.72
CA GLN A 256 3.07 11.44 -7.05
C GLN A 256 1.88 10.62 -6.62
N VAL A 257 1.42 10.84 -5.39
CA VAL A 257 0.24 10.13 -4.89
C VAL A 257 -0.55 11.02 -3.94
N GLU A 258 -1.88 10.95 -4.04
CA GLU A 258 -2.75 11.77 -3.21
C GLU A 258 -3.80 10.90 -2.51
N VAL A 259 -3.90 11.08 -1.19
CA VAL A 259 -4.84 10.30 -0.39
C VAL A 259 -5.64 11.20 0.55
N ASP A 260 -6.97 11.13 0.45
CA ASP A 260 -7.88 11.90 1.29
C ASP A 260 -7.64 13.40 1.19
N GLY A 261 -7.11 13.83 0.04
CA GLY A 261 -6.85 15.23 -0.20
C GLY A 261 -5.54 15.71 0.38
N TRP A 262 -4.68 14.76 0.77
CA TRP A 262 -3.35 15.09 1.28
C TRP A 262 -2.28 14.54 0.35
N ASP A 263 -1.12 15.18 0.34
CA ASP A 263 -0.04 14.78 -0.56
C ASP A 263 0.90 13.80 0.13
N CYS A 264 0.86 12.55 -0.33
CA CYS A 264 1.63 11.46 0.25
C CYS A 264 2.93 11.16 -0.51
N SER A 265 3.25 11.97 -1.51
CA SER A 265 4.34 11.64 -2.42
C SER A 265 5.73 11.82 -1.79
N PHE A 266 6.49 10.73 -1.76
CA PHE A 266 7.90 10.75 -1.39
C PHE A 266 8.63 9.66 -2.17
N PRO A 267 9.96 9.79 -2.34
CA PRO A 267 10.75 8.77 -3.05
C PRO A 267 10.58 7.36 -2.49
N ARG A 268 10.57 6.36 -3.35
CA ARG A 268 10.39 4.97 -2.93
C ARG A 268 11.67 4.37 -2.37
N ASP A 269 12.80 5.02 -2.66
CA ASP A 269 14.10 4.54 -2.18
C ASP A 269 14.98 5.69 -1.74
N ALA A 270 16.02 5.37 -0.97
CA ALA A 270 16.89 6.36 -0.36
C ALA A 270 18.12 6.67 -1.21
N SER A 271 18.20 6.06 -2.39
CA SER A 271 19.38 6.20 -3.25
C SER A 271 19.47 7.57 -3.89
N ARG A 272 18.32 8.19 -4.17
CA ARG A 272 18.28 9.49 -4.79
C ARG A 272 18.38 10.61 -3.76
N LEU A 273 18.51 10.22 -2.50
CA LEU A 273 18.54 11.19 -1.40
C LEU A 273 19.92 11.23 -0.74
N GLU A 274 20.51 12.41 -0.67
CA GLU A 274 21.83 12.58 -0.08
C GLU A 274 21.82 12.26 1.41
N PRO A 275 22.87 11.60 1.91
CA PRO A 275 22.97 11.20 3.32
C PRO A 275 23.04 12.39 4.27
N SER A 276 23.11 12.10 5.57
CA SER A 276 23.19 13.13 6.59
C SER A 276 24.64 13.37 7.00
N ILE A 277 24.99 14.65 7.19
CA ILE A 277 26.34 15.00 7.60
C ILE A 277 26.44 15.12 9.13
N ASN A 278 25.36 14.77 9.82
CA ASN A 278 25.38 14.75 11.28
C ASN A 278 26.09 13.48 11.73
N VAL A 279 27.22 13.66 12.42
CA VAL A 279 28.10 12.54 12.75
C VAL A 279 27.90 12.02 14.18
N GLU A 280 27.00 12.66 14.93
CA GLU A 280 26.77 12.32 16.34
C GLU A 280 26.48 10.84 16.55
N PRO A 281 27.19 10.21 17.50
CA PRO A 281 27.00 8.79 17.83
C PRO A 281 25.66 8.53 18.53
N LEU A 282 25.25 7.27 18.60
CA LEU A 282 23.93 6.90 19.12
C LEU A 282 23.65 7.39 20.53
N SER A 283 24.59 7.15 21.44
CA SER A 283 24.43 7.54 22.84
C SER A 283 24.21 9.05 22.97
N SER A 284 24.99 9.81 22.20
CA SER A 284 24.84 11.25 22.14
C SER A 284 23.45 11.64 21.70
N LEU A 285 22.94 10.99 20.66
CA LEU A 285 21.63 11.31 20.12
C LEU A 285 20.52 10.98 21.11
N LEU A 286 20.74 9.93 21.90
CA LEU A 286 19.76 9.53 22.91
C LEU A 286 19.68 10.55 24.04
N ALA A 287 20.84 10.86 24.61
CA ALA A 287 20.91 11.88 25.65
C ALA A 287 20.33 13.21 25.15
N GLN A 288 20.68 13.55 23.92
CA GLN A 288 20.18 14.75 23.27
C GLN A 288 18.67 14.70 23.13
N PHE A 289 18.12 13.53 22.86
CA PHE A 289 16.67 13.38 22.78
C PHE A 289 16.05 13.75 24.12
N PHE A 290 16.49 13.05 25.16
CA PHE A 290 15.95 13.28 26.52
C PHE A 290 15.99 14.75 26.91
N SER A 291 17.19 15.34 26.78
CA SER A 291 17.38 16.76 27.08
C SER A 291 16.45 17.65 26.26
N ALA A 292 16.37 17.37 24.96
CA ALA A 292 15.53 18.13 24.05
C ALA A 292 14.08 18.13 24.48
N VAL A 293 13.43 16.97 24.47
CA VAL A 293 12.02 16.88 24.80
C VAL A 293 11.74 17.31 26.24
N SER A 294 12.76 17.29 27.09
CA SER A 294 12.59 17.82 28.43
C SER A 294 12.59 19.35 28.43
N SER A 295 13.33 19.94 27.50
CA SER A 295 13.48 21.40 27.44
C SER A 295 12.46 22.09 26.54
N TRP A 296 11.69 21.32 25.79
CA TRP A 296 10.76 21.88 24.82
C TRP A 296 9.52 22.47 25.47
N ASP A 297 8.87 23.37 24.75
CA ASP A 297 7.57 23.88 25.17
C ASP A 297 6.48 23.19 24.36
N LEU A 298 5.76 22.29 25.01
CA LEU A 298 4.77 21.46 24.33
C LEU A 298 3.41 22.13 24.16
N ARG A 299 2.97 22.83 25.20
CA ARG A 299 1.65 23.48 25.22
C ARG A 299 1.44 24.44 24.04
N GLY A 300 2.45 25.26 23.76
CA GLY A 300 2.33 26.29 22.76
C GLY A 300 2.99 25.97 21.43
N SER A 301 3.22 24.69 21.16
CA SER A 301 3.91 24.29 19.95
C SER A 301 3.26 23.11 19.23
N LEU A 302 2.91 23.32 17.95
CA LEU A 302 2.56 22.23 17.07
C LEU A 302 3.83 21.76 16.37
N LEU A 303 4.20 20.51 16.57
CA LEU A 303 5.45 20.01 16.01
C LEU A 303 5.22 19.44 14.62
N SER A 304 5.78 20.12 13.63
CA SER A 304 5.56 19.78 12.23
C SER A 304 6.74 18.98 11.67
N LEU A 305 6.49 17.72 11.34
CA LEU A 305 7.49 16.87 10.70
C LEU A 305 7.59 17.22 9.23
N ARG A 306 6.53 17.80 8.68
CA ARG A 306 6.53 18.22 7.29
C ARG A 306 7.54 19.35 7.08
N GLU A 307 7.42 20.40 7.88
CA GLU A 307 8.32 21.55 7.76
C GLU A 307 9.55 21.39 8.63
N GLY A 308 9.58 20.32 9.42
CA GLY A 308 10.67 20.07 10.35
C GLY A 308 10.83 21.21 11.33
N GLN A 309 9.71 21.78 11.77
CA GLN A 309 9.76 22.98 12.62
C GLN A 309 8.71 22.98 13.71
N ALA A 310 8.93 23.79 14.74
CA ALA A 310 7.94 24.01 15.77
C ALA A 310 7.11 25.24 15.44
N LEU A 311 5.84 25.02 15.10
CA LEU A 311 4.95 26.12 14.73
C LEU A 311 4.19 26.61 15.97
N PRO A 312 4.30 27.91 16.28
CA PRO A 312 3.65 28.45 17.47
C PRO A 312 2.13 28.25 17.44
N VAL A 313 1.58 27.70 18.52
CA VAL A 313 0.16 27.39 18.59
C VAL A 313 -0.68 28.62 18.86
N ALA A 314 -0.24 29.44 19.82
CA ALA A 314 -1.06 30.52 20.32
C ALA A 314 -0.71 31.88 19.72
N GLY A 315 -1.75 32.64 19.38
CA GLY A 315 -3.08 32.07 19.26
C GLY A 315 -3.44 31.68 17.84
N GLY A 316 -4.22 30.61 17.69
CA GLY A 316 -5.02 30.38 16.50
C GLY A 316 -4.33 30.19 15.16
N LEU A 317 -3.00 30.28 15.13
CA LEU A 317 -2.29 30.29 13.85
C LEU A 317 -2.41 28.98 13.06
N PRO A 318 -1.99 27.83 13.64
CA PRO A 318 -2.12 26.62 12.82
C PRO A 318 -3.56 26.15 12.67
N SER A 319 -4.43 26.61 13.57
CA SER A 319 -5.82 26.17 13.57
C SER A 319 -6.62 26.76 12.42
N ASN A 320 -6.16 27.89 11.90
CA ASN A 320 -6.84 28.57 10.80
C ASN A 320 -6.56 27.92 9.46
N LEU A 321 -5.38 27.33 9.32
CA LEU A 321 -4.95 26.74 8.05
C LEU A 321 -5.65 25.41 7.80
N TRP A 322 -5.30 24.40 8.58
CA TRP A 322 -5.93 23.09 8.46
C TRP A 322 -6.96 22.89 9.56
N GLU A 323 -8.23 22.88 9.17
CA GLU A 323 -9.33 22.71 10.12
C GLU A 323 -9.43 21.26 10.58
N GLY A 324 -9.85 21.06 11.83
CA GLY A 324 -10.00 19.73 12.37
C GLY A 324 -8.79 19.28 13.16
N LEU A 325 -7.95 20.24 13.55
CA LEU A 325 -6.75 19.94 14.30
C LEU A 325 -6.97 20.23 15.79
N ARG A 326 -7.01 19.16 16.58
CA ARG A 326 -7.26 19.29 18.02
C ARG A 326 -5.96 19.53 18.77
N LEU A 327 -5.88 20.68 19.43
CA LEU A 327 -4.68 21.09 20.14
C LEU A 327 -4.80 20.87 21.64
N GLY A 328 -3.68 20.57 22.28
CA GLY A 328 -3.67 20.19 23.68
C GLY A 328 -2.25 20.20 24.23
N PRO A 329 -2.04 19.54 25.37
CA PRO A 329 -0.76 19.47 26.09
C PRO A 329 0.40 19.10 25.17
N LEU A 330 0.21 18.09 24.33
CA LEU A 330 1.22 17.70 23.36
C LEU A 330 0.63 17.74 21.95
N ASN A 331 1.28 18.51 21.08
CA ASN A 331 0.82 18.65 19.71
C ASN A 331 1.85 18.15 18.71
N LEU A 332 1.54 17.03 18.06
CA LEU A 332 2.46 16.43 17.10
C LEU A 332 1.74 16.18 15.78
N GLN A 333 2.18 16.86 14.73
CA GLN A 333 1.49 16.84 13.45
C GLN A 333 1.91 15.67 12.58
N ASP A 334 0.92 14.97 12.03
CA ASP A 334 1.16 13.88 11.08
C ASP A 334 1.83 14.44 9.83
N PRO A 335 2.82 13.70 9.29
CA PRO A 335 3.59 14.16 8.13
C PRO A 335 2.75 14.33 6.86
N PHE A 336 1.56 13.75 6.83
CA PHE A 336 0.74 13.73 5.62
C PHE A 336 -0.61 14.41 5.85
N ASP A 337 -1.39 13.89 6.79
CA ASP A 337 -2.64 14.55 7.14
C ASP A 337 -2.32 15.60 8.18
N LEU A 338 -2.46 16.86 7.78
CA LEU A 338 -1.96 17.98 8.57
C LEU A 338 -3.00 18.48 9.54
N SER A 339 -4.21 17.95 9.43
CA SER A 339 -5.28 18.29 10.34
C SER A 339 -5.29 17.33 11.53
N HIS A 340 -4.35 16.39 11.54
CA HIS A 340 -4.35 15.38 12.60
C HIS A 340 -3.19 15.50 13.57
N ASN A 341 -3.51 15.85 14.81
CA ASN A 341 -2.54 15.74 15.89
C ASN A 341 -2.53 14.29 16.37
N VAL A 342 -1.39 13.62 16.24
CA VAL A 342 -1.28 12.20 16.59
C VAL A 342 -1.24 12.02 18.10
N ALA A 343 -0.86 13.08 18.81
CA ALA A 343 -0.76 13.06 20.26
C ALA A 343 -1.98 13.68 20.94
N ALA A 344 -3.00 14.04 20.15
CA ALA A 344 -4.14 14.80 20.64
C ALA A 344 -4.88 14.14 21.80
N ASN A 345 -4.69 12.84 21.96
CA ASN A 345 -5.32 12.09 23.05
C ASN A 345 -4.63 12.31 24.39
N VAL A 346 -3.37 12.72 24.35
CA VAL A 346 -2.53 12.77 25.55
C VAL A 346 -2.97 13.85 26.52
N THR A 347 -3.24 13.45 27.76
CA THR A 347 -3.59 14.38 28.83
C THR A 347 -2.36 15.09 29.37
N SER A 348 -2.57 16.24 30.00
CA SER A 348 -1.48 17.08 30.50
C SER A 348 -0.62 16.38 31.55
N ARG A 349 -1.23 15.44 32.29
CA ARG A 349 -0.50 14.68 33.28
C ARG A 349 0.52 13.78 32.59
N VAL A 350 0.12 13.22 31.45
CA VAL A 350 0.98 12.30 30.70
C VAL A 350 2.10 13.05 29.99
N ALA A 351 1.79 14.22 29.42
CA ALA A 351 2.81 15.03 28.77
C ALA A 351 3.83 15.55 29.79
N GLY A 352 3.31 16.05 30.92
CA GLY A 352 4.16 16.51 32.00
C GLY A 352 5.03 15.39 32.54
N ARG A 353 4.44 14.21 32.69
CA ARG A 353 5.19 13.04 33.12
C ARG A 353 6.28 12.70 32.11
N LEU A 354 5.96 12.85 30.83
CA LEU A 354 6.92 12.64 29.76
C LEU A 354 8.13 13.54 29.96
N GLN A 355 7.88 14.85 30.05
CA GLN A 355 8.98 15.81 30.19
C GLN A 355 9.77 15.59 31.48
N ASN A 356 9.09 15.15 32.54
CA ASN A 356 9.77 14.83 33.79
C ASN A 356 10.73 13.66 33.64
N CYS A 357 10.21 12.56 33.09
CA CYS A 357 11.01 11.37 32.85
C CYS A 357 12.17 11.66 31.90
N CYS A 358 11.96 12.60 30.98
CA CYS A 358 13.00 12.96 30.03
C CYS A 358 14.08 13.80 30.70
N ARG A 359 13.67 14.67 31.63
CA ARG A 359 14.64 15.45 32.40
C ARG A 359 15.47 14.52 33.29
N ALA A 360 14.81 13.56 33.92
CA ALA A 360 15.49 12.58 34.76
C ALA A 360 16.46 11.73 33.94
N ALA A 361 16.01 11.25 32.79
CA ALA A 361 16.82 10.40 31.92
C ALA A 361 18.03 11.17 31.39
N ALA A 362 17.81 12.43 31.02
CA ALA A 362 18.89 13.29 30.56
C ALA A 362 19.90 13.49 31.68
N ASN A 363 19.39 13.62 32.91
CA ASN A 363 20.27 13.77 34.06
C ASN A 363 21.08 12.51 34.31
N TYR A 364 20.48 11.35 34.04
CA TYR A 364 21.20 10.09 34.18
C TYR A 364 22.28 9.94 33.12
N CYS A 365 21.97 10.31 31.89
CA CYS A 365 22.92 10.20 30.78
C CYS A 365 24.14 11.10 30.98
N ARG A 366 23.99 12.11 31.84
CA ARG A 366 25.10 13.00 32.18
C ARG A 366 26.07 12.34 33.15
N SER A 367 25.69 11.19 33.70
CA SER A 367 26.54 10.50 34.66
C SER A 367 27.55 9.61 33.96
N LEU A 368 28.42 8.96 34.75
CA LEU A 368 29.45 8.09 34.21
C LEU A 368 28.95 6.65 34.10
N GLN A 369 27.80 6.38 34.70
CA GLN A 369 27.20 5.06 34.67
C GLN A 369 26.65 4.79 33.26
N TYR A 370 26.22 5.84 32.60
CA TYR A 370 25.68 5.76 31.25
C TYR A 370 26.78 5.62 30.20
N GLN A 371 27.81 6.46 30.32
CA GLN A 371 28.85 6.55 29.30
C GLN A 371 29.80 5.35 29.32
N ARG A 372 30.29 5.00 30.50
CA ARG A 372 31.29 3.96 30.64
C ARG A 372 30.67 2.59 30.94
N ARG A 373 31.29 1.55 30.42
CA ARG A 373 30.85 0.18 30.66
C ARG A 373 31.15 -0.21 32.10
N SER A 374 30.73 -1.41 32.49
CA SER A 374 31.00 -1.91 33.84
C SER A 374 31.99 -3.07 33.77
N SER A 375 32.83 -3.18 34.79
CA SER A 375 33.83 -4.25 34.86
C SER A 375 33.17 -5.62 34.77
N ARG A 376 32.46 -6.01 35.82
CA ARG A 376 31.76 -7.29 35.81
C ARG A 376 30.35 -7.21 36.40
N GLY A 377 29.35 -7.50 35.57
CA GLY A 377 28.00 -7.75 36.03
C GLY A 377 27.13 -6.55 36.40
N ARG A 378 27.75 -5.39 36.57
CA ARG A 378 26.98 -4.22 37.00
C ARG A 378 26.10 -3.66 35.89
N ASP A 379 25.06 -2.94 36.29
CA ASP A 379 24.13 -2.34 35.33
C ASP A 379 24.66 -1.00 34.84
N TRP A 380 24.84 -0.89 33.52
CA TRP A 380 25.40 0.30 32.92
C TRP A 380 24.67 0.66 31.64
N GLY A 381 24.88 1.89 31.15
CA GLY A 381 24.31 2.32 29.89
C GLY A 381 22.80 2.28 29.84
N LEU A 382 22.28 1.53 28.88
CA LEU A 382 20.84 1.44 28.63
C LEU A 382 20.06 0.77 29.77
N LEU A 383 20.76 -0.06 30.56
CA LEU A 383 20.08 -0.90 31.55
C LEU A 383 19.26 -0.13 32.60
N PRO A 384 19.86 0.89 33.28
CA PRO A 384 19.01 1.60 34.24
C PRO A 384 17.85 2.36 33.60
N LEU A 385 17.97 2.66 32.31
CA LEU A 385 16.90 3.34 31.59
C LEU A 385 15.77 2.37 31.24
N LEU A 386 16.14 1.14 30.92
CA LEU A 386 15.16 0.12 30.54
C LEU A 386 14.65 -0.65 31.75
N GLN A 387 15.29 -0.47 32.89
CA GLN A 387 14.84 -1.10 34.13
C GLN A 387 13.65 -0.35 34.70
N PRO A 388 12.76 -1.07 35.40
CA PRO A 388 11.59 -0.44 36.02
C PRO A 388 11.98 0.65 37.01
N SER A 389 11.25 1.75 36.99
CA SER A 389 11.52 2.87 37.89
C SER A 389 10.86 2.67 39.24
N SER A 390 11.55 3.12 40.29
CA SER A 390 11.05 3.03 41.65
C SER A 390 9.67 3.65 41.79
N PRO A 391 8.80 3.04 42.61
CA PRO A 391 7.44 3.54 42.88
C PRO A 391 7.43 5.01 43.31
N SER A 392 8.47 5.41 44.04
CA SER A 392 8.63 6.80 44.45
C SER A 392 8.90 7.69 43.25
N SER A 393 9.81 7.22 42.38
CA SER A 393 10.09 7.92 41.12
C SER A 393 8.89 7.83 40.19
N LEU A 394 8.25 6.67 40.23
CA LEU A 394 7.04 6.40 39.44
C LEU A 394 5.98 7.45 39.73
N LEU A 395 5.79 7.77 41.01
CA LEU A 395 4.80 8.76 41.41
C LEU A 395 5.29 10.19 41.21
N SER A 396 6.56 10.44 41.54
CA SER A 396 7.11 11.79 41.49
C SER A 396 7.30 12.26 40.05
N ALA A 397 7.21 11.32 39.10
CA ALA A 397 7.31 11.66 37.69
C ALA A 397 6.02 12.29 37.18
N THR A 398 4.88 11.71 37.58
CA THR A 398 3.58 12.19 37.16
C THR A 398 3.02 13.21 38.15
N PRO A 399 2.88 14.47 37.70
CA PRO A 399 2.47 15.60 38.55
C PRO A 399 1.01 15.52 38.99
N ILE A 400 0.60 16.50 39.79
CA ILE A 400 -0.77 16.58 40.29
C ILE A 400 -1.51 17.76 39.68
N PRO A 401 -2.60 17.48 38.95
CA PRO A 401 -3.39 18.55 38.32
C PRO A 401 -4.04 19.46 39.36
N LEU A 402 -3.87 20.77 39.17
CA LEU A 402 -4.40 21.76 40.10
C LEU A 402 -5.41 22.66 39.40
N PRO A 403 -6.40 23.15 40.15
CA PRO A 403 -7.41 24.06 39.60
C PRO A 403 -6.80 25.30 38.97
N LEU A 404 -7.47 25.87 37.98
CA LEU A 404 -6.97 27.07 37.30
C LEU A 404 -6.92 28.26 38.25
N ALA A 405 -5.85 29.04 38.16
CA ALA A 405 -5.60 30.18 39.03
C ALA A 405 -4.34 30.90 38.58
N PRO A 406 -4.25 32.21 38.86
CA PRO A 406 -3.03 32.98 38.58
C PRO A 406 -1.81 32.34 39.23
N PHE A 407 -0.72 32.21 38.48
CA PHE A 407 0.48 31.50 38.92
C PHE A 407 0.97 31.98 40.29
N THR A 408 1.03 33.30 40.47
CA THR A 408 1.45 33.89 41.73
C THR A 408 0.47 33.54 42.85
N GLN A 409 -0.81 33.79 42.60
CA GLN A 409 -1.86 33.53 43.58
C GLN A 409 -1.98 32.04 43.89
N LEU A 410 -1.73 31.21 42.88
CA LEU A 410 -1.79 29.76 43.05
C LEU A 410 -0.64 29.26 43.91
N THR A 411 0.57 29.74 43.62
CA THR A 411 1.75 29.36 44.39
C THR A 411 1.63 29.84 45.84
N ALA A 412 1.12 31.05 46.02
CA ALA A 412 0.90 31.61 47.34
C ALA A 412 -0.13 30.78 48.10
N ALA A 413 -1.16 30.34 47.38
CA ALA A 413 -2.17 29.45 47.95
C ALA A 413 -1.53 28.16 48.41
N LEU A 414 -0.62 27.62 47.58
CA LEU A 414 0.04 26.36 47.88
C LEU A 414 0.94 26.45 49.12
N VAL A 415 1.75 27.50 49.19
CA VAL A 415 2.60 27.68 50.36
C VAL A 415 1.76 27.99 51.59
N GLN A 416 0.57 28.54 51.37
CA GLN A 416 -0.37 28.74 52.47
C GLN A 416 -0.93 27.40 52.96
N VAL A 417 -1.09 26.45 52.04
CA VAL A 417 -1.62 25.13 52.38
C VAL A 417 -0.55 24.25 53.03
N PHE A 418 0.71 24.47 52.66
CA PHE A 418 1.79 23.71 53.28
C PHE A 418 2.19 24.29 54.65
N ARG A 419 2.27 25.62 54.72
CA ARG A 419 2.58 26.30 55.98
C ARG A 419 1.53 25.96 57.05
N GLU A 420 0.30 26.38 56.80
CA GLU A 420 -0.83 26.06 57.67
C GLU A 420 -1.76 25.09 56.96
N ALA A 421 -2.48 24.30 57.74
CA ALA A 421 -3.32 23.16 57.30
C ALA A 421 -2.46 21.92 57.05
N LEU A 422 -1.14 22.13 57.05
CA LEU A 422 -0.17 21.03 57.04
C LEU A 422 1.00 21.41 57.94
N GLY A 423 1.63 20.41 58.54
CA GLY A 423 2.72 20.65 59.48
C GLY A 423 4.04 20.95 58.82
N CYS A 424 4.00 21.21 57.51
CA CYS A 424 5.21 21.41 56.72
C CYS A 424 5.97 22.67 57.09
N HIS A 425 7.28 22.52 57.30
CA HIS A 425 8.18 23.66 57.37
C HIS A 425 8.74 23.88 55.98
N ILE A 426 8.39 25.02 55.37
CA ILE A 426 8.71 25.25 53.97
C ILE A 426 9.76 26.33 53.78
N GLU A 427 10.55 26.19 52.71
CA GLU A 427 11.62 27.11 52.40
C GLU A 427 11.87 27.14 50.90
N GLN A 428 12.60 28.15 50.43
CA GLN A 428 12.91 28.26 49.01
C GLN A 428 14.14 27.43 48.65
N SER A 454 9.17 28.47 36.60
CA SER A 454 8.54 27.52 37.51
C SER A 454 9.03 27.74 38.95
N ALA A 455 8.09 27.71 39.89
CA ALA A 455 8.44 27.95 41.30
C ALA A 455 8.60 26.62 42.04
N SER A 456 9.55 26.56 42.96
CA SER A 456 9.78 25.32 43.70
C SER A 456 10.15 25.58 45.16
N TRP A 457 9.62 24.74 46.05
CA TRP A 457 9.92 24.86 47.47
C TRP A 457 10.37 23.53 48.09
N ARG A 458 11.28 23.63 49.04
CA ARG A 458 11.70 22.49 49.84
C ARG A 458 10.86 22.44 51.11
N CYS A 459 10.22 21.30 51.34
CA CYS A 459 9.31 21.12 52.46
C CYS A 459 9.77 19.99 53.39
N ALA A 460 9.68 20.24 54.69
CA ALA A 460 10.07 19.26 55.69
C ALA A 460 8.92 18.90 56.62
N LEU A 461 8.70 17.60 56.80
CA LEU A 461 7.64 17.11 57.68
C LEU A 461 8.22 16.21 58.76
N TRP A 462 7.93 16.54 60.02
CA TRP A 462 8.37 15.72 61.14
C TRP A 462 7.26 14.76 61.59
N HIS A 463 6.15 14.75 60.87
CA HIS A 463 4.95 14.07 61.36
C HIS A 463 4.25 13.19 60.32
N ARG A 464 3.27 12.43 60.83
CA ARG A 464 2.52 11.42 60.08
C ARG A 464 1.29 11.99 59.40
N VAL A 465 1.24 13.32 59.30
CA VAL A 465 0.03 14.11 59.07
C VAL A 465 -0.94 13.56 58.01
N TRP A 466 -0.42 12.94 56.96
CA TRP A 466 -1.29 12.38 55.93
C TRP A 466 -2.18 11.25 56.44
N GLN A 467 -1.77 10.61 57.54
CA GLN A 467 -2.49 9.47 58.08
C GLN A 467 -3.19 9.79 59.40
N GLY A 468 -4.40 9.27 59.56
CA GLY A 468 -5.13 9.38 60.81
C GLY A 468 -5.89 10.70 60.98
N ARG A 469 -6.20 11.34 59.87
CA ARG A 469 -6.92 12.60 59.91
C ARG A 469 -8.39 12.38 60.25
N ARG A 470 -8.92 11.23 59.83
CA ARG A 470 -10.31 10.89 60.05
C ARG A 470 -10.65 10.77 61.54
N ARG A 471 -9.76 10.12 62.29
CA ARG A 471 -9.96 9.93 63.73
C ARG A 471 -9.91 11.26 64.48
N ALA A 472 -8.97 12.11 64.10
CA ALA A 472 -8.85 13.43 64.72
C ALA A 472 -10.04 14.30 64.36
N ARG A 473 -10.58 14.09 63.16
CA ARG A 473 -11.75 14.84 62.72
C ARG A 473 -12.98 14.42 63.51
N ARG A 474 -13.15 13.11 63.69
CA ARG A 474 -14.23 12.59 64.53
C ARG A 474 -14.12 13.14 65.94
N ARG A 475 -12.91 13.02 66.50
CA ARG A 475 -12.63 13.50 67.85
C ARG A 475 -12.98 14.98 67.99
N LEU A 476 -12.63 15.75 66.98
CA LEU A 476 -12.89 17.19 66.99
C LEU A 476 -14.37 17.50 66.81
N GLN A 477 -15.10 16.62 66.15
CA GLN A 477 -16.54 16.81 65.96
C GLN A 477 -17.32 16.52 67.24
N GLN A 478 -16.95 15.42 67.90
CA GLN A 478 -17.60 15.11 69.18
C GLN A 478 -17.18 16.08 70.27
N GLN A 479 -15.94 16.55 70.18
CA GLN A 479 -15.46 17.58 71.12
C GLN A 479 -15.99 18.94 70.71
N THR A 480 -16.60 19.01 69.51
CA THR A 480 -17.37 20.18 69.12
C THR A 480 -18.74 20.07 69.78
N LYS A 481 -19.24 18.84 69.87
CA LYS A 481 -20.46 18.59 70.64
C LYS A 481 -20.22 18.91 72.11
N GLU A 482 -18.96 18.78 72.53
CA GLU A 482 -18.55 19.16 73.88
C GLU A 482 -18.69 20.67 74.09
N GLY A 483 -18.06 21.44 73.21
CA GLY A 483 -18.10 22.89 73.30
C GLY A 483 -17.25 23.57 72.25
N GLY A 493 -15.16 28.45 55.73
CA GLY A 493 -14.19 28.17 54.69
C GLY A 493 -12.99 27.37 55.19
N TRP A 494 -12.09 27.05 54.28
CA TRP A 494 -10.89 26.25 54.56
C TRP A 494 -9.76 27.09 55.14
N LEU A 495 -8.54 26.57 55.02
CA LEU A 495 -7.36 26.97 55.80
C LEU A 495 -7.46 26.56 57.26
N ALA A 496 -7.39 27.52 58.17
CA ALA A 496 -7.14 27.26 59.59
C ALA A 496 -8.01 26.17 60.21
N THR A 497 -9.21 25.97 59.68
CA THR A 497 -10.09 24.92 60.18
C THR A 497 -9.51 23.53 59.91
N GLU A 498 -8.79 23.40 58.79
CA GLU A 498 -8.10 22.15 58.47
C GLU A 498 -6.81 22.09 59.27
N ALA A 499 -6.26 23.26 59.56
CA ALA A 499 -5.05 23.36 60.37
C ALA A 499 -5.30 22.88 61.79
N GLN A 500 -6.55 22.99 62.24
CA GLN A 500 -6.93 22.42 63.52
C GLN A 500 -6.79 20.89 63.46
N VAL A 501 -7.38 20.29 62.43
CA VAL A 501 -7.30 18.85 62.24
C VAL A 501 -5.85 18.39 62.13
N THR A 502 -5.02 19.21 61.50
CA THR A 502 -3.60 18.87 61.34
C THR A 502 -2.81 18.95 62.64
N GLN A 503 -2.98 20.06 63.36
CA GLN A 503 -2.21 20.29 64.58
C GLN A 503 -2.72 19.46 65.76
N GLU A 504 -3.94 18.96 65.65
CA GLU A 504 -4.50 18.11 66.71
C GLU A 504 -4.12 16.65 66.49
N LEU A 505 -3.31 16.40 65.47
CA LEU A 505 -2.81 15.05 65.21
C LEU A 505 -1.60 14.73 66.06
N LYS A 506 -1.16 15.71 66.85
CA LYS A 506 -0.05 15.51 67.79
C LYS A 506 -0.15 16.47 68.97
N THR A 517 16.75 17.03 65.74
CA THR A 517 15.40 16.78 65.24
C THR A 517 15.41 16.53 63.74
N GLU A 518 15.78 15.31 63.34
CA GLU A 518 15.83 14.95 61.93
C GLU A 518 14.41 14.83 61.37
N PRO A 519 14.17 15.50 60.24
CA PRO A 519 12.86 15.48 59.56
C PRO A 519 12.41 14.08 59.19
N LEU A 520 11.14 13.78 59.40
CA LEU A 520 10.59 12.46 59.06
C LEU A 520 10.66 12.25 57.56
N LEU A 521 10.12 13.19 56.80
CA LEU A 521 10.17 13.15 55.35
C LEU A 521 10.41 14.54 54.77
N SER A 522 11.42 14.66 53.90
CA SER A 522 11.69 15.93 53.24
C SER A 522 11.51 15.77 51.74
N PHE A 523 10.71 16.67 51.16
CA PHE A 523 10.33 16.56 49.74
C PHE A 523 10.33 17.92 49.05
N VAL A 524 10.24 17.92 47.72
CA VAL A 524 10.21 19.16 46.95
C VAL A 524 8.90 19.31 46.17
N ALA A 525 8.33 20.51 46.19
CA ALA A 525 7.10 20.79 45.44
C ALA A 525 7.36 21.83 44.36
N SER A 526 7.03 21.50 43.12
CA SER A 526 7.31 22.39 41.99
C SER A 526 6.07 22.65 41.12
N VAL A 527 5.82 23.92 40.85
CA VAL A 527 4.73 24.33 39.96
C VAL A 527 5.28 24.98 38.70
N SER A 528 4.93 24.41 37.55
CA SER A 528 5.36 24.91 36.25
C SER A 528 4.36 25.93 35.71
N PRO A 529 4.83 26.84 34.84
CA PRO A 529 3.95 27.83 34.21
C PRO A 529 2.82 27.21 33.39
N ALA A 530 3.16 26.24 32.56
CA ALA A 530 2.16 25.55 31.75
C ALA A 530 2.39 24.04 31.72
N ASP A 531 1.42 23.27 32.16
CA ASP A 531 0.18 23.78 32.76
C ASP A 531 0.47 24.12 34.22
N ARG A 532 -0.56 24.46 34.99
CA ARG A 532 -0.34 24.70 36.41
C ARG A 532 -0.59 23.37 37.13
N MET A 533 0.51 22.78 37.57
CA MET A 533 0.50 21.45 38.16
C MET A 533 1.62 21.35 39.18
N LEU A 534 1.40 20.56 40.22
CA LEU A 534 2.42 20.40 41.25
C LEU A 534 3.16 19.09 41.09
N THR A 535 4.47 19.18 40.93
CA THR A 535 5.32 18.00 40.87
C THR A 535 6.00 17.80 42.21
N VAL A 536 5.60 16.77 42.93
CA VAL A 536 6.13 16.52 44.26
C VAL A 536 7.18 15.41 44.23
N THR A 537 8.43 15.78 44.49
CA THR A 537 9.52 14.81 44.47
C THR A 537 10.19 14.75 45.83
N PRO A 538 10.62 13.53 46.24
CA PRO A 538 11.21 13.32 47.56
C PRO A 538 12.67 13.76 47.66
N LEU A 539 13.13 14.03 48.88
CA LEU A 539 14.54 14.30 49.14
C LEU A 539 15.08 13.28 50.11
N GLN A 540 14.59 13.34 51.35
CA GLN A 540 14.99 12.35 52.36
C GLN A 540 13.79 11.59 52.89
N ASP A 541 13.82 10.27 52.69
CA ASP A 541 12.70 9.41 53.06
C ASP A 541 13.21 8.11 53.69
N PRO A 542 13.63 8.17 54.96
CA PRO A 542 14.24 7.05 55.67
C PRO A 542 13.34 5.81 55.77
N GLN A 543 12.07 6.01 56.11
CA GLN A 543 11.16 4.90 56.33
C GLN A 543 10.33 4.59 55.08
N GLY A 544 10.57 5.33 54.01
CA GLY A 544 9.89 5.09 52.74
C GLY A 544 8.41 5.41 52.76
N LEU A 545 8.06 6.57 53.31
CA LEU A 545 6.66 6.96 53.47
C LEU A 545 6.15 7.89 52.37
N PHE A 546 7.02 8.25 51.43
CA PHE A 546 6.69 9.24 50.41
C PHE A 546 5.47 8.92 49.51
N PRO A 547 5.28 7.66 49.10
CA PRO A 547 4.09 7.40 48.26
C PRO A 547 2.78 7.74 48.94
N ASP A 548 2.66 7.42 50.23
CA ASP A 548 1.46 7.75 50.99
C ASP A 548 1.20 9.25 50.99
N LEU A 549 2.25 10.02 51.27
CA LEU A 549 2.16 11.47 51.24
C LEU A 549 1.76 11.99 49.85
N HIS A 550 2.26 11.31 48.83
CA HIS A 550 2.02 11.73 47.45
C HIS A 550 0.56 11.53 47.07
N HIS A 551 0.01 10.36 47.40
CA HIS A 551 -1.40 10.09 47.12
C HIS A 551 -2.31 11.01 47.94
N PHE A 552 -1.99 11.11 49.23
CA PHE A 552 -2.73 12.01 50.11
C PHE A 552 -2.74 13.44 49.58
N LEU A 553 -1.62 13.88 49.02
CA LEU A 553 -1.52 15.22 48.46
C LEU A 553 -2.29 15.32 47.16
N GLN A 554 -2.30 14.22 46.40
CA GLN A 554 -3.09 14.15 45.18
C GLN A 554 -4.55 14.43 45.48
N VAL A 555 -5.02 13.92 46.62
CA VAL A 555 -6.39 14.17 47.02
C VAL A 555 -6.58 15.54 47.71
N PHE A 556 -5.61 15.92 48.52
CA PHE A 556 -5.74 17.07 49.43
C PHE A 556 -5.52 18.42 48.77
N LEU A 557 -4.49 18.54 47.93
CA LEU A 557 -4.14 19.82 47.34
C LEU A 557 -5.23 20.41 46.44
N PRO A 558 -5.87 19.60 45.56
CA PRO A 558 -6.96 20.15 44.78
C PRO A 558 -8.11 20.69 45.63
N GLN A 559 -8.47 19.98 46.70
CA GLN A 559 -9.49 20.47 47.64
C GLN A 559 -9.10 21.82 48.21
N ALA A 560 -7.85 21.90 48.68
CA ALA A 560 -7.29 23.12 49.23
C ALA A 560 -7.45 24.30 48.27
N ILE A 561 -6.82 24.20 47.10
CA ILE A 561 -6.90 25.24 46.08
C ILE A 561 -8.35 25.55 45.70
N ARG A 562 -9.21 24.55 45.77
CA ARG A 562 -10.63 24.70 45.43
C ARG A 562 -11.34 25.63 46.42
N HIS A 563 -11.26 25.29 47.70
CA HIS A 563 -11.88 26.12 48.73
C HIS A 563 -11.23 27.50 48.81
N LEU A 564 -9.93 27.56 48.54
CA LEU A 564 -9.22 28.83 48.52
C LEU A 564 -9.71 29.70 47.37
N LYS A 565 -10.09 29.06 46.26
CA LYS A 565 -10.68 29.77 45.14
C LYS A 565 -12.09 30.22 45.46
N LEU A 566 -12.78 29.45 46.31
CA LEU A 566 -14.15 29.79 46.67
C LEU A 566 -14.23 30.78 47.82
N GLU A 567 -13.08 31.23 48.30
CA GLU A 567 -13.06 32.28 49.32
C GLU A 567 -13.22 33.67 48.68
N HIS A 568 -13.16 33.70 47.35
CA HIS A 568 -13.33 34.95 46.61
C HIS A 568 -14.79 35.14 46.22
N ASP B 6 -3.53 8.72 -41.92
CA ASP B 6 -3.92 7.60 -41.08
C ASP B 6 -5.37 7.76 -40.61
N SER B 7 -6.07 6.62 -40.51
CA SER B 7 -7.46 6.55 -40.04
C SER B 7 -8.44 7.22 -41.00
N HIS B 8 -7.91 7.91 -42.01
CA HIS B 8 -8.74 8.55 -43.03
C HIS B 8 -8.35 7.99 -44.39
N GLN B 9 -7.10 8.22 -44.78
CA GLN B 9 -6.55 7.64 -45.99
C GLN B 9 -6.45 6.11 -45.86
N LEU B 10 -6.27 5.66 -44.61
CA LEU B 10 -6.14 4.24 -44.31
C LEU B 10 -7.44 3.49 -44.61
N ALA B 11 -8.56 4.05 -44.15
CA ALA B 11 -9.87 3.45 -44.36
C ALA B 11 -10.18 3.32 -45.85
N LYS B 12 -9.87 4.37 -46.61
CA LYS B 12 -10.08 4.36 -48.04
C LYS B 12 -9.17 3.33 -48.71
N ALA B 13 -7.91 3.29 -48.28
CA ALA B 13 -6.94 2.35 -48.83
C ALA B 13 -7.38 0.91 -48.64
N LEU B 14 -7.92 0.62 -47.45
CA LEU B 14 -8.42 -0.73 -47.16
C LEU B 14 -9.71 -1.01 -47.92
N ALA B 15 -10.52 0.03 -48.13
CA ALA B 15 -11.78 -0.11 -48.84
C ALA B 15 -11.58 -0.37 -50.33
N GLU B 16 -10.45 0.10 -50.87
CA GLU B 16 -10.16 -0.02 -52.29
C GLU B 16 -9.56 -1.37 -52.67
N ALA B 17 -9.12 -2.13 -51.66
CA ALA B 17 -8.42 -3.39 -51.90
C ALA B 17 -9.31 -4.45 -52.56
N ALA B 18 -8.67 -5.34 -53.32
CA ALA B 18 -9.37 -6.43 -53.99
C ALA B 18 -10.09 -7.33 -52.99
N ASP B 19 -9.32 -8.02 -52.16
CA ASP B 19 -9.87 -8.94 -51.18
C ASP B 19 -9.35 -8.65 -49.76
N VAL B 20 -9.70 -9.51 -48.83
CA VAL B 20 -9.32 -9.36 -47.43
C VAL B 20 -7.80 -9.48 -47.24
N GLY B 21 -7.20 -10.45 -47.91
CA GLY B 21 -5.77 -10.64 -47.85
C GLY B 21 -5.03 -9.42 -48.35
N ALA B 22 -5.54 -8.82 -49.41
CA ALA B 22 -4.97 -7.60 -49.97
C ALA B 22 -5.10 -6.46 -48.97
N GLN B 23 -6.16 -6.49 -48.16
CA GLN B 23 -6.37 -5.50 -47.12
C GLN B 23 -5.32 -5.63 -46.02
N MET B 24 -5.06 -6.87 -45.61
CA MET B 24 -4.06 -7.13 -44.57
C MET B 24 -2.66 -6.74 -45.05
N ILE B 25 -2.35 -7.13 -46.29
CA ILE B 25 -1.06 -6.80 -46.90
C ILE B 25 -0.87 -5.29 -47.02
N LYS B 26 -1.89 -4.60 -47.54
CA LYS B 26 -1.87 -3.15 -47.64
C LYS B 26 -1.70 -2.50 -46.27
N LEU B 27 -2.33 -3.09 -45.26
CA LEU B 27 -2.21 -2.61 -43.89
C LEU B 27 -0.76 -2.67 -43.42
N VAL B 28 -0.13 -3.82 -43.66
CA VAL B 28 1.30 -3.98 -43.37
C VAL B 28 2.11 -2.91 -44.08
N GLY B 29 1.84 -2.71 -45.37
CA GLY B 29 2.55 -1.75 -46.17
C GLY B 29 2.43 -0.33 -45.64
N LEU B 30 1.27 -0.01 -45.08
CA LEU B 30 1.02 1.34 -44.57
C LEU B 30 1.61 1.57 -43.17
N ARG B 31 1.49 0.59 -42.28
CA ARG B 31 1.95 0.77 -40.91
C ARG B 31 3.45 0.61 -40.73
N GLU B 32 4.09 -0.17 -41.58
CA GLU B 32 5.51 -0.47 -41.46
C GLU B 32 6.38 0.78 -41.60
N LEU B 33 7.53 0.76 -40.92
CA LEU B 33 8.44 1.90 -40.96
C LEU B 33 9.00 2.12 -42.37
N SER B 34 9.07 3.39 -42.77
CA SER B 34 9.65 3.76 -44.05
C SER B 34 11.17 3.67 -43.99
N GLU B 35 11.83 3.97 -45.10
CA GLU B 35 13.29 3.89 -45.16
C GLU B 35 13.91 5.07 -44.41
N ALA B 36 13.18 6.19 -44.39
CA ALA B 36 13.64 7.39 -43.69
C ALA B 36 13.51 7.22 -42.18
N GLU B 37 12.46 6.54 -41.74
CA GLU B 37 12.26 6.28 -40.33
C GLU B 37 13.36 5.36 -39.80
N ARG B 38 13.63 4.30 -40.55
CA ARG B 38 14.70 3.36 -40.19
C ARG B 38 16.05 4.04 -40.24
N GLN B 39 16.23 4.94 -41.21
CA GLN B 39 17.44 5.73 -41.31
C GLN B 39 17.64 6.55 -40.04
N LEU B 40 16.56 7.20 -39.61
CA LEU B 40 16.57 8.05 -38.43
C LEU B 40 16.91 7.24 -37.17
N ARG B 41 16.25 6.09 -37.02
CA ARG B 41 16.54 5.19 -35.92
C ARG B 41 18.00 4.75 -35.92
N SER B 42 18.52 4.43 -37.10
CA SER B 42 19.93 4.06 -37.24
C SER B 42 20.86 5.19 -36.79
N LEU B 43 20.49 6.42 -37.15
CA LEU B 43 21.26 7.59 -36.74
C LEU B 43 21.30 7.71 -35.22
N VAL B 44 20.12 7.66 -34.59
CA VAL B 44 20.03 7.76 -33.14
C VAL B 44 20.82 6.66 -32.42
N VAL B 45 20.63 5.42 -32.86
CA VAL B 45 21.35 4.29 -32.31
C VAL B 45 22.86 4.50 -32.46
N ALA B 46 23.25 5.10 -33.58
CA ALA B 46 24.67 5.39 -33.82
C ALA B 46 25.21 6.40 -32.82
N LEU B 47 24.43 7.45 -32.53
CA LEU B 47 24.80 8.45 -31.54
C LEU B 47 24.96 7.83 -30.14
N MET B 48 23.94 7.09 -29.73
CA MET B 48 23.95 6.39 -28.45
C MET B 48 25.18 5.50 -28.33
N GLN B 49 25.47 4.78 -29.41
CA GLN B 49 26.63 3.91 -29.49
C GLN B 49 27.92 4.71 -29.32
N GLU B 50 27.97 5.89 -29.92
CA GLU B 50 29.14 6.77 -29.82
C GLU B 50 29.39 7.17 -28.36
N VAL B 51 28.37 7.73 -27.72
CA VAL B 51 28.52 8.19 -26.33
C VAL B 51 28.85 7.04 -25.38
N PHE B 52 28.15 5.92 -25.54
CA PHE B 52 28.37 4.75 -24.70
C PHE B 52 29.77 4.17 -24.91
N THR B 53 30.26 4.24 -26.14
CA THR B 53 31.63 3.80 -26.44
C THR B 53 32.61 4.72 -25.76
N GLU B 54 32.28 6.02 -25.70
CA GLU B 54 33.08 6.98 -24.96
C GLU B 54 33.16 6.58 -23.49
N PHE B 55 32.02 6.19 -22.92
CA PHE B 55 32.00 5.77 -21.51
C PHE B 55 32.44 4.31 -21.29
N PHE B 56 32.03 3.42 -22.18
CA PHE B 56 32.30 2.00 -22.02
C PHE B 56 33.06 1.43 -23.21
N PRO B 57 34.41 1.39 -23.11
CA PRO B 57 35.23 0.85 -24.19
C PRO B 57 34.84 -0.56 -24.60
N GLY B 58 34.62 -0.78 -25.89
CA GLY B 58 34.28 -2.09 -26.41
C GLY B 58 32.81 -2.46 -26.31
N CYS B 59 31.99 -1.56 -25.74
CA CYS B 59 30.57 -1.85 -25.58
C CYS B 59 29.85 -1.79 -26.90
N VAL B 60 28.73 -2.51 -27.00
CA VAL B 60 27.93 -2.54 -28.21
C VAL B 60 26.45 -2.30 -27.90
N VAL B 61 25.80 -1.45 -28.69
CA VAL B 61 24.38 -1.19 -28.55
C VAL B 61 23.58 -1.99 -29.57
N HIS B 62 22.77 -2.91 -29.08
CA HIS B 62 21.95 -3.77 -29.95
C HIS B 62 20.49 -3.35 -29.92
N PRO B 63 19.97 -2.85 -31.05
CA PRO B 63 18.53 -2.59 -31.14
C PRO B 63 17.74 -3.90 -31.09
N PHE B 64 16.69 -3.93 -30.28
CA PHE B 64 15.79 -5.08 -30.24
C PHE B 64 14.34 -4.60 -30.19
N GLY B 65 13.41 -5.55 -30.16
CA GLY B 65 12.00 -5.22 -30.13
C GLY B 65 11.44 -4.91 -31.50
N SER B 66 10.47 -3.99 -31.53
CA SER B 66 9.71 -3.66 -32.74
C SER B 66 10.60 -3.26 -33.92
N SER B 67 11.70 -2.59 -33.63
CA SER B 67 12.60 -2.09 -34.67
C SER B 67 13.18 -3.21 -35.53
N ILE B 68 13.75 -4.24 -34.89
CA ILE B 68 14.38 -5.33 -35.62
C ILE B 68 13.52 -6.60 -35.80
N ASN B 69 12.33 -6.63 -35.21
CA ASN B 69 11.55 -7.88 -35.23
C ASN B 69 10.52 -7.95 -36.37
N SER B 70 10.56 -6.95 -37.25
CA SER B 70 9.77 -6.91 -38.49
C SER B 70 8.29 -6.57 -38.27
N PHE B 71 7.88 -6.47 -37.02
CA PHE B 71 6.50 -6.14 -36.68
C PHE B 71 6.32 -4.63 -36.41
N ASP B 72 7.37 -3.87 -36.70
CA ASP B 72 7.41 -2.42 -36.50
C ASP B 72 6.24 -1.65 -37.11
N VAL B 73 5.76 -0.65 -36.37
CA VAL B 73 4.76 0.30 -36.85
C VAL B 73 5.26 1.73 -36.66
N HIS B 74 4.59 2.69 -37.28
CA HIS B 74 4.96 4.10 -37.14
C HIS B 74 4.87 4.56 -35.68
N GLY B 75 5.90 5.25 -35.22
CA GLY B 75 5.92 5.79 -33.88
C GLY B 75 6.20 4.76 -32.81
N CYS B 76 6.72 3.60 -33.21
CA CYS B 76 7.04 2.55 -32.26
C CYS B 76 8.30 2.89 -31.45
N ASP B 77 8.46 2.22 -30.32
CA ASP B 77 9.59 2.44 -29.44
C ASP B 77 10.90 2.03 -30.10
N LEU B 78 11.98 2.69 -29.69
CA LEU B 78 13.32 2.23 -30.03
C LEU B 78 13.94 1.60 -28.79
N ASP B 79 14.05 0.28 -28.79
CA ASP B 79 14.54 -0.44 -27.62
C ASP B 79 16.00 -0.83 -27.79
N LEU B 80 16.83 -0.42 -26.84
CA LEU B 80 18.27 -0.63 -26.96
C LEU B 80 18.84 -1.47 -25.81
N PHE B 81 19.49 -2.57 -26.17
CA PHE B 81 20.20 -3.38 -25.19
C PHE B 81 21.68 -3.01 -25.19
N LEU B 82 22.20 -2.66 -24.03
CA LEU B 82 23.59 -2.23 -23.92
C LEU B 82 24.47 -3.35 -23.40
N ASP B 83 25.32 -3.88 -24.28
CA ASP B 83 26.23 -4.95 -23.89
C ASP B 83 27.61 -4.38 -23.56
N LEU B 84 28.06 -4.61 -22.33
CA LEU B 84 29.33 -4.05 -21.87
C LEU B 84 30.50 -4.98 -22.20
N GLU B 119 29.73 -16.05 -3.91
CA GLU B 119 30.14 -14.82 -3.21
C GLU B 119 29.20 -13.67 -3.53
N THR B 120 28.27 -13.87 -4.44
CA THR B 120 27.35 -12.82 -4.83
C THR B 120 25.91 -13.10 -4.41
N PRO B 121 25.43 -12.39 -3.38
CA PRO B 121 24.09 -12.41 -2.80
C PRO B 121 23.11 -11.52 -3.54
N LYS B 122 21.96 -11.27 -2.93
CA LYS B 122 20.94 -10.38 -3.49
C LYS B 122 21.48 -8.99 -3.82
N GLU B 123 22.64 -8.66 -3.25
CA GLU B 123 23.31 -7.39 -3.51
C GLU B 123 23.55 -7.14 -5.01
N GLU B 124 23.52 -8.21 -5.80
CA GLU B 124 23.63 -8.10 -7.26
C GLU B 124 22.56 -7.17 -7.83
N LYS B 125 21.37 -7.24 -7.24
CA LYS B 125 20.31 -6.31 -7.58
C LYS B 125 20.82 -4.89 -7.42
N ALA B 126 21.34 -4.60 -6.23
CA ALA B 126 21.88 -3.29 -5.89
C ALA B 126 23.02 -2.90 -6.85
N GLU B 127 23.68 -3.90 -7.43
CA GLU B 127 24.68 -3.60 -8.44
C GLU B 127 24.00 -3.12 -9.71
N GLY B 128 23.06 -3.92 -10.21
CA GLY B 128 22.39 -3.60 -11.46
C GLY B 128 21.82 -2.20 -11.43
N ALA B 129 21.00 -1.94 -10.41
CA ALA B 129 20.41 -0.64 -10.19
C ALA B 129 21.47 0.45 -10.27
N ALA B 130 22.57 0.24 -9.55
CA ALA B 130 23.67 1.21 -9.56
C ALA B 130 24.12 1.44 -10.99
N MET B 131 24.47 0.34 -11.67
CA MET B 131 24.91 0.43 -13.06
C MET B 131 23.83 1.11 -13.89
N LEU B 132 22.58 0.75 -13.62
CA LEU B 132 21.45 1.33 -14.35
C LEU B 132 21.51 2.84 -14.20
N GLU B 133 21.64 3.30 -12.96
CA GLU B 133 21.68 4.72 -12.68
C GLU B 133 22.82 5.38 -13.46
N LEU B 134 23.94 4.67 -13.54
CA LEU B 134 25.11 5.17 -14.26
C LEU B 134 24.68 5.51 -15.69
N VAL B 135 24.06 4.53 -16.35
CA VAL B 135 23.58 4.72 -17.71
C VAL B 135 22.69 5.95 -17.78
N GLY B 136 21.80 6.07 -16.79
CA GLY B 136 20.90 7.19 -16.72
C GLY B 136 21.66 8.50 -16.72
N SER B 137 22.67 8.59 -15.86
CA SER B 137 23.45 9.81 -15.74
C SER B 137 24.22 10.09 -17.03
N ILE B 138 24.49 9.03 -17.79
CA ILE B 138 25.14 9.19 -19.09
C ILE B 138 24.12 9.72 -20.09
N LEU B 139 22.90 9.21 -20.03
CA LEU B 139 21.86 9.63 -20.96
C LEU B 139 21.45 11.07 -20.72
N ARG B 140 21.03 11.37 -19.50
CA ARG B 140 20.48 12.68 -19.19
C ARG B 140 21.54 13.80 -19.30
N GLY B 141 22.79 13.45 -19.02
CA GLY B 141 23.85 14.45 -18.96
C GLY B 141 24.85 14.58 -20.10
N CYS B 142 24.92 13.60 -20.99
CA CYS B 142 26.00 13.58 -21.98
C CYS B 142 25.52 13.66 -23.43
N VAL B 143 24.90 12.59 -23.91
CA VAL B 143 24.40 12.54 -25.28
C VAL B 143 23.44 13.70 -25.55
N PRO B 144 23.69 14.46 -26.62
CA PRO B 144 22.90 15.65 -26.93
C PRO B 144 21.49 15.34 -27.44
N GLY B 145 20.53 16.14 -27.03
CA GLY B 145 19.18 16.04 -27.54
C GLY B 145 18.28 15.01 -26.87
N VAL B 146 18.79 14.28 -25.89
CA VAL B 146 17.95 13.31 -25.20
C VAL B 146 17.41 13.88 -23.89
N TYR B 147 16.15 13.57 -23.63
CA TYR B 147 15.45 14.07 -22.45
C TYR B 147 14.43 13.04 -21.99
N ARG B 148 13.60 13.43 -21.01
CA ARG B 148 12.65 12.52 -20.38
C ARG B 148 13.34 11.26 -19.89
N VAL B 149 14.57 11.42 -19.42
CA VAL B 149 15.35 10.28 -18.96
C VAL B 149 14.90 9.85 -17.57
N GLN B 150 14.41 8.63 -17.47
CA GLN B 150 13.88 8.13 -16.20
C GLN B 150 14.30 6.68 -15.96
N THR B 151 14.95 6.43 -14.83
CA THR B 151 15.39 5.10 -14.48
C THR B 151 14.23 4.29 -13.87
N VAL B 152 14.08 3.06 -14.33
CA VAL B 152 13.07 2.16 -13.81
C VAL B 152 13.71 0.87 -13.31
N PRO B 153 14.26 0.90 -12.08
CA PRO B 153 14.83 -0.26 -11.38
C PRO B 153 13.76 -1.23 -10.85
N SER B 154 12.57 -0.70 -10.55
CA SER B 154 11.55 -1.47 -9.86
C SER B 154 10.83 -2.47 -10.77
N ALA B 155 11.02 -2.34 -12.08
CA ALA B 155 10.42 -3.26 -13.02
C ALA B 155 11.11 -4.62 -12.96
N ARG B 156 10.42 -5.66 -13.40
CA ARG B 156 11.02 -7.00 -13.49
C ARG B 156 12.27 -6.94 -14.35
N ARG B 157 12.13 -6.34 -15.53
CA ARG B 157 13.28 -6.02 -16.36
C ARG B 157 13.65 -4.56 -16.16
N PRO B 158 14.75 -4.30 -15.44
CA PRO B 158 15.21 -2.94 -15.16
C PRO B 158 15.52 -2.19 -16.44
N VAL B 159 14.98 -0.98 -16.61
CA VAL B 159 15.18 -0.29 -17.88
C VAL B 159 15.18 1.23 -17.72
N VAL B 160 16.00 1.91 -18.53
CA VAL B 160 16.06 3.36 -18.50
C VAL B 160 15.31 3.96 -19.69
N LYS B 161 14.16 4.58 -19.42
CA LYS B 161 13.38 5.20 -20.48
C LYS B 161 14.00 6.54 -20.89
N PHE B 162 13.93 6.83 -22.19
CA PHE B 162 14.47 8.09 -22.70
C PHE B 162 13.66 8.60 -23.89
N ALA B 163 14.02 9.81 -24.33
CA ALA B 163 13.50 10.38 -25.56
C ALA B 163 14.55 11.24 -26.23
N HIS B 164 14.71 11.07 -27.54
CA HIS B 164 15.56 11.93 -28.35
C HIS B 164 14.69 12.99 -29.02
N ARG B 165 14.99 14.25 -28.72
CA ARG B 165 14.18 15.40 -29.13
C ARG B 165 14.16 15.68 -30.64
N PRO B 166 15.33 15.78 -31.31
CA PRO B 166 15.26 16.15 -32.73
C PRO B 166 14.59 15.08 -33.60
N SER B 167 14.82 13.82 -33.26
CA SER B 167 14.25 12.71 -34.02
C SER B 167 12.81 12.45 -33.59
N GLY B 168 12.42 13.00 -32.45
CA GLY B 168 11.09 12.77 -31.92
C GLY B 168 10.90 11.31 -31.55
N LEU B 169 11.98 10.69 -31.08
CA LEU B 169 11.96 9.27 -30.77
C LEU B 169 11.91 9.03 -29.26
N HIS B 170 11.33 7.92 -28.83
CA HIS B 170 11.37 7.55 -27.42
C HIS B 170 11.66 6.07 -27.29
N GLY B 171 12.32 5.67 -26.21
CA GLY B 171 12.67 4.27 -26.06
C GLY B 171 13.12 3.81 -24.69
N ASP B 172 13.66 2.59 -24.66
CA ASP B 172 14.07 1.93 -23.43
C ASP B 172 15.48 1.35 -23.55
N VAL B 173 16.34 1.69 -22.60
CA VAL B 173 17.70 1.16 -22.57
C VAL B 173 17.86 0.11 -21.49
N SER B 174 18.11 -1.13 -21.90
CA SER B 174 18.27 -2.24 -20.97
C SER B 174 19.74 -2.62 -20.82
N LEU B 175 20.19 -2.73 -19.58
CA LEU B 175 21.56 -3.18 -19.31
C LEU B 175 21.68 -4.67 -19.56
N SER B 176 20.77 -5.44 -18.97
CA SER B 176 20.66 -6.82 -19.39
C SER B 176 19.23 -7.25 -19.71
N ASN B 177 18.95 -7.36 -21.00
CA ASN B 177 18.04 -8.38 -21.49
C ASN B 177 18.71 -8.97 -22.73
N ARG B 178 19.28 -10.15 -22.61
CA ARG B 178 19.92 -10.79 -23.75
C ARG B 178 18.90 -11.59 -24.55
N LEU B 179 17.95 -12.18 -23.83
CA LEU B 179 16.91 -13.01 -24.43
C LEU B 179 16.05 -12.22 -25.41
N ALA B 180 15.88 -10.93 -25.13
CA ALA B 180 15.08 -10.04 -25.98
C ALA B 180 15.62 -10.02 -27.40
N LEU B 181 16.94 -9.97 -27.53
CA LEU B 181 17.60 -10.03 -28.83
C LEU B 181 17.20 -11.27 -29.62
N HIS B 182 17.29 -12.42 -28.96
CA HIS B 182 17.11 -13.70 -29.61
C HIS B 182 15.65 -14.04 -29.91
N ASN B 183 14.72 -13.59 -29.06
CA ASN B 183 13.32 -13.81 -29.36
C ASN B 183 12.81 -12.77 -30.37
N SER B 184 13.49 -11.63 -30.43
CA SER B 184 13.23 -10.67 -31.49
C SER B 184 13.62 -11.26 -32.84
N ARG B 185 14.85 -11.76 -32.91
CA ARG B 185 15.35 -12.39 -34.12
C ARG B 185 14.58 -13.68 -34.43
N PHE B 186 13.97 -14.26 -33.39
CA PHE B 186 13.09 -15.40 -33.57
C PHE B 186 11.78 -14.96 -34.23
N LEU B 187 11.28 -13.79 -33.84
CA LEU B 187 10.09 -13.23 -34.45
C LEU B 187 10.36 -12.94 -35.92
N SER B 188 11.53 -12.36 -36.20
CA SER B 188 11.93 -12.04 -37.55
C SER B 188 12.05 -13.31 -38.41
N LEU B 189 12.72 -14.32 -37.86
CA LEU B 189 12.83 -15.61 -38.54
C LEU B 189 11.46 -16.21 -38.82
N CYS B 190 10.56 -16.08 -37.85
CA CYS B 190 9.19 -16.54 -38.01
C CYS B 190 8.50 -15.84 -39.17
N SER B 191 8.76 -14.54 -39.28
CA SER B 191 8.16 -13.73 -40.34
C SER B 191 8.74 -14.11 -41.70
N GLU B 192 10.00 -14.54 -41.72
CA GLU B 192 10.62 -15.00 -42.97
C GLU B 192 10.18 -16.41 -43.33
N LEU B 193 9.69 -17.16 -42.34
CA LEU B 193 9.33 -18.56 -42.53
C LEU B 193 8.05 -18.73 -43.34
N ASP B 194 7.10 -17.82 -43.15
CA ASP B 194 5.87 -17.82 -43.94
C ASP B 194 5.41 -16.39 -44.18
N GLY B 195 4.94 -16.13 -45.39
CA GLY B 195 4.58 -14.79 -45.81
C GLY B 195 3.30 -14.26 -45.19
N ARG B 196 2.48 -15.14 -44.65
CA ARG B 196 1.20 -14.74 -44.06
C ARG B 196 1.36 -14.22 -42.63
N VAL B 197 2.51 -14.51 -42.02
CA VAL B 197 2.77 -14.17 -40.63
C VAL B 197 2.64 -12.67 -40.36
N ARG B 198 3.30 -11.85 -41.18
CA ARG B 198 3.31 -10.42 -40.97
C ARG B 198 1.92 -9.79 -41.17
N PRO B 199 1.22 -10.14 -42.27
CA PRO B 199 -0.15 -9.61 -42.36
C PRO B 199 -1.03 -10.04 -41.19
N LEU B 200 -0.90 -11.30 -40.77
CA LEU B 200 -1.70 -11.79 -39.66
C LEU B 200 -1.43 -10.99 -38.37
N VAL B 201 -0.16 -10.88 -38.01
CA VAL B 201 0.23 -10.22 -36.78
C VAL B 201 -0.11 -8.73 -36.79
N TYR B 202 0.11 -8.08 -37.92
CA TYR B 202 -0.24 -6.67 -38.06
C TYR B 202 -1.75 -6.45 -37.92
N THR B 203 -2.54 -7.23 -38.66
CA THR B 203 -3.99 -7.11 -38.61
C THR B 203 -4.53 -7.37 -37.20
N LEU B 204 -4.06 -8.44 -36.57
CA LEU B 204 -4.52 -8.81 -35.24
C LEU B 204 -4.06 -7.83 -34.16
N ARG B 205 -2.91 -7.20 -34.38
CA ARG B 205 -2.44 -6.15 -33.48
C ARG B 205 -3.33 -4.93 -33.58
N ALA B 206 -3.67 -4.53 -34.81
CA ALA B 206 -4.56 -3.40 -35.02
C ALA B 206 -5.93 -3.68 -34.40
N TRP B 207 -6.43 -4.90 -34.60
CA TRP B 207 -7.72 -5.31 -34.06
C TRP B 207 -7.73 -5.32 -32.54
N ALA B 208 -6.70 -5.92 -31.94
CA ALA B 208 -6.61 -6.01 -30.48
C ALA B 208 -6.48 -4.62 -29.87
N GLN B 209 -5.68 -3.77 -30.51
CA GLN B 209 -5.52 -2.39 -30.06
C GLN B 209 -6.85 -1.65 -30.14
N GLY B 210 -7.64 -1.98 -31.16
CA GLY B 210 -8.94 -1.36 -31.34
C GLY B 210 -9.96 -1.86 -30.34
N ARG B 211 -9.79 -3.11 -29.90
CA ARG B 211 -10.72 -3.71 -28.95
C ARG B 211 -10.32 -3.43 -27.50
N GLY B 212 -9.20 -2.72 -27.33
CA GLY B 212 -8.71 -2.39 -26.01
C GLY B 212 -8.13 -3.60 -25.29
N LEU B 213 -7.57 -4.52 -26.07
CA LEU B 213 -7.03 -5.75 -25.54
C LEU B 213 -5.52 -5.68 -25.28
N SER B 214 -4.89 -4.57 -25.65
CA SER B 214 -3.44 -4.48 -25.56
C SER B 214 -2.95 -3.18 -24.92
N GLY B 215 -2.02 -3.31 -23.97
CA GLY B 215 -1.48 -2.17 -23.27
C GLY B 215 -0.48 -2.53 -22.18
N SER B 216 -0.15 -1.56 -21.33
CA SER B 216 0.83 -1.77 -20.27
C SER B 216 0.18 -2.11 -18.93
N GLY B 217 -1.14 -2.20 -18.94
CA GLY B 217 -1.90 -2.58 -17.75
C GLY B 217 -2.02 -4.07 -17.67
N PRO B 218 -3.14 -4.57 -17.14
CA PRO B 218 -3.47 -6.00 -17.18
C PRO B 218 -3.58 -6.52 -18.61
N LEU B 219 -3.67 -5.61 -19.57
CA LEU B 219 -3.80 -5.96 -20.98
C LEU B 219 -2.60 -6.72 -21.52
N LEU B 220 -2.82 -7.47 -22.61
CA LEU B 220 -1.75 -8.18 -23.30
C LEU B 220 -0.74 -7.21 -23.92
N SER B 221 0.55 -7.55 -23.78
CA SER B 221 1.59 -6.84 -24.49
C SER B 221 1.56 -7.24 -25.96
N ASN B 222 2.12 -6.41 -26.84
CA ASN B 222 2.18 -6.72 -28.26
C ASN B 222 3.01 -7.98 -28.52
N TYR B 223 4.02 -8.18 -27.69
CA TYR B 223 4.87 -9.37 -27.77
C TYR B 223 4.07 -10.61 -27.42
N ALA B 224 3.23 -10.51 -26.39
CA ALA B 224 2.39 -11.64 -25.98
C ALA B 224 1.37 -11.98 -27.06
N LEU B 225 0.76 -10.95 -27.64
CA LEU B 225 -0.21 -11.16 -28.70
C LEU B 225 0.46 -11.81 -29.91
N THR B 226 1.65 -11.33 -30.24
CA THR B 226 2.45 -11.90 -31.33
C THR B 226 2.73 -13.37 -31.08
N LEU B 227 3.10 -13.69 -29.85
CA LEU B 227 3.37 -15.07 -29.46
C LEU B 227 2.11 -15.93 -29.55
N LEU B 228 0.96 -15.29 -29.32
CA LEU B 228 -0.32 -16.00 -29.42
C LEU B 228 -0.65 -16.32 -30.87
N VAL B 229 -0.41 -15.35 -31.76
CA VAL B 229 -0.61 -15.55 -33.19
C VAL B 229 0.32 -16.65 -33.72
N ILE B 230 1.58 -16.58 -33.34
CA ILE B 230 2.57 -17.58 -33.72
C ILE B 230 2.17 -18.96 -33.21
N TYR B 231 1.70 -19.03 -31.97
CA TYR B 231 1.23 -20.30 -31.40
C TYR B 231 0.06 -20.84 -32.22
N PHE B 232 -0.84 -19.95 -32.61
CA PHE B 232 -1.99 -20.33 -33.44
C PHE B 232 -1.52 -20.91 -34.77
N LEU B 233 -0.50 -20.29 -35.35
CA LEU B 233 0.04 -20.75 -36.63
C LEU B 233 0.73 -22.09 -36.49
N GLN B 234 1.35 -22.32 -35.34
CA GLN B 234 2.06 -23.58 -35.08
C GLN B 234 1.10 -24.74 -34.89
N THR B 235 -0.11 -24.44 -34.41
CA THR B 235 -1.07 -25.48 -34.05
C THR B 235 -2.07 -25.83 -35.16
N ARG B 236 -1.92 -25.21 -36.32
CA ARG B 236 -2.83 -25.47 -37.44
C ARG B 236 -2.64 -26.88 -37.95
N ASP B 237 -3.66 -27.40 -38.65
CA ASP B 237 -3.68 -28.82 -39.03
C ASP B 237 -2.44 -29.17 -39.87
N PRO B 238 -2.26 -28.58 -41.07
CA PRO B 238 -0.82 -28.47 -41.34
C PRO B 238 -0.27 -27.29 -40.56
N PRO B 239 0.92 -27.44 -39.95
CA PRO B 239 1.48 -26.28 -39.26
C PRO B 239 1.95 -25.19 -40.24
N VAL B 240 1.60 -23.94 -39.97
CA VAL B 240 2.08 -22.83 -40.79
C VAL B 240 3.51 -22.51 -40.39
N LEU B 241 3.76 -22.52 -39.09
CA LEU B 241 5.09 -22.29 -38.55
C LEU B 241 5.55 -23.51 -37.76
N PRO B 242 6.85 -23.81 -37.81
CA PRO B 242 7.40 -24.93 -37.04
C PRO B 242 7.50 -24.60 -35.56
N THR B 243 7.59 -25.63 -34.72
CA THR B 243 7.76 -25.41 -33.29
C THR B 243 9.19 -24.95 -33.00
N VAL B 244 9.38 -24.28 -31.87
CA VAL B 244 10.71 -23.77 -31.53
C VAL B 244 11.65 -24.92 -31.20
N SER B 245 11.09 -26.03 -30.72
CA SER B 245 11.89 -27.22 -30.48
C SER B 245 12.46 -27.75 -31.79
N GLN B 246 11.67 -27.65 -32.85
CA GLN B 246 12.12 -28.09 -34.18
C GLN B 246 13.23 -27.17 -34.71
N LEU B 247 13.05 -25.87 -34.53
CA LEU B 247 14.06 -24.90 -34.93
C LEU B 247 15.36 -25.14 -34.19
N THR B 248 15.26 -25.40 -32.89
CA THR B 248 16.43 -25.69 -32.07
C THR B 248 17.05 -27.02 -32.49
N GLN B 249 16.21 -27.93 -32.98
CA GLN B 249 16.67 -29.22 -33.48
C GLN B 249 17.36 -29.07 -34.83
N LYS B 250 17.11 -27.95 -35.50
CA LYS B 250 17.81 -27.67 -36.76
C LYS B 250 19.20 -27.10 -36.44
N ALA B 251 19.24 -25.84 -36.00
CA ALA B 251 20.45 -25.27 -35.41
C ALA B 251 21.69 -25.47 -36.28
N GLY B 252 22.61 -26.29 -35.79
CA GLY B 252 23.86 -26.56 -36.46
C GLY B 252 25.04 -25.98 -35.69
N GLU B 253 26.21 -26.56 -35.91
CA GLU B 253 27.41 -26.20 -35.18
C GLU B 253 27.77 -24.72 -35.36
N GLY B 254 28.17 -24.08 -34.26
CA GLY B 254 28.54 -22.69 -34.27
C GLY B 254 27.34 -21.77 -34.10
N GLU B 255 26.15 -22.31 -34.33
CA GLU B 255 24.93 -21.53 -34.18
C GLU B 255 24.31 -21.74 -32.80
N GLN B 256 24.97 -22.55 -31.99
CA GLN B 256 24.52 -22.83 -30.62
C GLN B 256 24.70 -21.61 -29.72
N VAL B 257 23.66 -21.27 -28.98
CA VAL B 257 23.71 -20.13 -28.06
C VAL B 257 22.88 -20.39 -26.81
N GLU B 258 23.41 -20.01 -25.65
CA GLU B 258 22.72 -20.18 -24.38
C GLU B 258 22.71 -18.89 -23.58
N VAL B 259 21.54 -18.49 -23.10
CA VAL B 259 21.40 -17.27 -22.32
C VAL B 259 20.60 -17.50 -21.04
N ASP B 260 21.21 -17.15 -19.91
CA ASP B 260 20.57 -17.26 -18.60
C ASP B 260 20.12 -18.68 -18.29
N GLY B 261 20.80 -19.66 -18.87
CA GLY B 261 20.50 -21.06 -18.64
C GLY B 261 19.38 -21.56 -19.53
N TRP B 262 19.13 -20.86 -20.63
CA TRP B 262 18.10 -21.25 -21.58
C TRP B 262 18.68 -21.37 -22.98
N ASP B 263 18.27 -22.40 -23.71
CA ASP B 263 18.80 -22.62 -25.06
C ASP B 263 18.11 -21.68 -26.05
N CYS B 264 18.89 -20.78 -26.64
CA CYS B 264 18.37 -19.80 -27.59
C CYS B 264 18.62 -20.20 -29.05
N SER B 265 19.19 -21.38 -29.26
CA SER B 265 19.64 -21.79 -30.58
C SER B 265 18.52 -21.90 -31.60
N PHE B 266 18.82 -21.44 -32.82
CA PHE B 266 17.94 -21.56 -33.99
C PHE B 266 18.68 -21.00 -35.21
N PRO B 267 18.38 -21.53 -36.40
CA PRO B 267 19.01 -21.07 -37.65
C PRO B 267 18.76 -19.59 -37.91
N ARG B 268 19.79 -18.88 -38.36
CA ARG B 268 19.68 -17.45 -38.60
C ARG B 268 19.22 -17.13 -40.02
N ASP B 269 18.94 -18.19 -40.79
CA ASP B 269 18.36 -18.04 -42.12
C ASP B 269 17.28 -19.07 -42.35
N ALA B 270 16.23 -18.68 -43.06
CA ALA B 270 15.09 -19.57 -43.32
C ALA B 270 15.36 -20.49 -44.49
N SER B 271 16.49 -20.29 -45.16
CA SER B 271 16.87 -21.07 -46.33
C SER B 271 17.06 -22.54 -46.00
N ARG B 272 17.62 -22.81 -44.82
CA ARG B 272 17.78 -24.17 -44.31
C ARG B 272 16.47 -24.93 -44.27
N LEU B 273 15.54 -24.42 -43.47
CA LEU B 273 14.31 -25.12 -43.12
C LEU B 273 13.37 -25.29 -44.30
N GLU B 274 12.49 -26.28 -44.22
CA GLU B 274 11.51 -26.55 -45.26
C GLU B 274 10.28 -25.67 -45.11
N PRO B 275 9.66 -25.29 -46.24
CA PRO B 275 8.46 -24.45 -46.25
C PRO B 275 7.24 -25.13 -45.62
N SER B 276 6.12 -24.42 -45.61
CA SER B 276 4.89 -24.95 -45.03
C SER B 276 3.95 -25.46 -46.12
N ILE B 277 3.33 -26.60 -45.88
CA ILE B 277 2.39 -27.18 -46.83
C ILE B 277 0.95 -26.72 -46.54
N ASN B 278 0.81 -25.81 -45.58
CA ASN B 278 -0.49 -25.22 -45.28
C ASN B 278 -0.90 -24.23 -46.36
N VAL B 279 -2.01 -24.50 -47.02
CA VAL B 279 -2.42 -23.72 -48.19
C VAL B 279 -3.45 -22.64 -47.87
N GLU B 280 -3.89 -22.57 -46.61
CA GLU B 280 -4.96 -21.65 -46.23
C GLU B 280 -4.61 -20.19 -46.47
N PRO B 281 -5.54 -19.44 -47.09
CA PRO B 281 -5.38 -18.01 -47.36
C PRO B 281 -5.49 -17.15 -46.11
N LEU B 282 -5.07 -15.90 -46.20
CA LEU B 282 -5.01 -14.98 -45.05
C LEU B 282 -6.34 -14.84 -44.29
N SER B 283 -7.41 -14.53 -45.02
CA SER B 283 -8.72 -14.31 -44.41
C SER B 283 -9.20 -15.53 -43.62
N SER B 284 -9.04 -16.69 -44.24
CA SER B 284 -9.37 -17.96 -43.62
C SER B 284 -8.63 -18.14 -42.30
N LEU B 285 -7.34 -17.83 -42.30
CA LEU B 285 -6.51 -17.95 -41.11
C LEU B 285 -6.91 -16.94 -40.03
N LEU B 286 -7.42 -15.78 -40.46
CA LEU B 286 -7.86 -14.76 -39.52
C LEU B 286 -9.11 -15.23 -38.77
N ALA B 287 -10.12 -15.61 -39.54
CA ALA B 287 -11.34 -16.16 -38.97
C ALA B 287 -11.02 -17.36 -38.07
N GLN B 288 -10.15 -18.22 -38.57
CA GLN B 288 -9.70 -19.39 -37.83
C GLN B 288 -9.07 -18.98 -36.51
N PHE B 289 -8.27 -17.93 -36.52
CA PHE B 289 -7.66 -17.44 -35.29
C PHE B 289 -8.73 -17.04 -34.28
N PHE B 290 -9.63 -16.15 -34.71
CA PHE B 290 -10.70 -15.66 -33.84
C PHE B 290 -11.47 -16.81 -33.19
N SER B 291 -11.99 -17.71 -34.03
CA SER B 291 -12.79 -18.83 -33.53
C SER B 291 -11.97 -19.77 -32.65
N ALA B 292 -10.70 -19.95 -32.99
CA ALA B 292 -9.83 -20.87 -32.26
C ALA B 292 -9.56 -20.39 -30.85
N VAL B 293 -9.03 -19.17 -30.71
CA VAL B 293 -8.66 -18.71 -29.38
C VAL B 293 -9.91 -18.32 -28.59
N SER B 294 -11.04 -18.11 -29.28
CA SER B 294 -12.29 -17.90 -28.57
C SER B 294 -12.75 -19.19 -27.88
N SER B 295 -12.42 -20.33 -28.46
CA SER B 295 -12.88 -21.62 -27.96
C SER B 295 -11.89 -22.34 -27.05
N TRP B 296 -10.73 -21.76 -26.84
CA TRP B 296 -9.69 -22.41 -26.04
C TRP B 296 -9.96 -22.33 -24.55
N ASP B 297 -9.40 -23.26 -23.79
CA ASP B 297 -9.37 -23.15 -22.34
C ASP B 297 -8.05 -22.51 -21.97
N LEU B 298 -8.11 -21.25 -21.54
CA LEU B 298 -6.92 -20.48 -21.25
C LEU B 298 -6.38 -20.73 -19.84
N ARG B 299 -7.29 -20.86 -18.87
CA ARG B 299 -6.90 -21.08 -17.48
C ARG B 299 -6.24 -22.43 -17.26
N GLY B 300 -6.76 -23.45 -17.94
CA GLY B 300 -6.27 -24.81 -17.75
C GLY B 300 -5.13 -25.20 -18.65
N SER B 301 -4.69 -24.28 -19.51
CA SER B 301 -3.65 -24.61 -20.49
C SER B 301 -2.51 -23.60 -20.53
N LEU B 302 -1.30 -24.11 -20.38
CA LEU B 302 -0.10 -23.35 -20.70
C LEU B 302 0.26 -23.61 -22.16
N LEU B 303 0.34 -22.54 -22.94
CA LEU B 303 0.59 -22.69 -24.36
C LEU B 303 2.09 -22.66 -24.64
N SER B 304 2.62 -23.80 -25.07
CA SER B 304 4.03 -23.94 -25.36
C SER B 304 4.32 -23.74 -26.84
N LEU B 305 5.05 -22.67 -27.16
CA LEU B 305 5.48 -22.41 -28.53
C LEU B 305 6.66 -23.31 -28.89
N ARG B 306 7.41 -23.73 -27.88
CA ARG B 306 8.52 -24.64 -28.08
C ARG B 306 8.02 -25.99 -28.56
N GLU B 307 7.03 -26.53 -27.88
CA GLU B 307 6.47 -27.84 -28.24
C GLU B 307 5.34 -27.70 -29.26
N GLY B 308 4.92 -26.46 -29.50
CA GLY B 308 3.79 -26.19 -30.38
C GLY B 308 2.55 -26.92 -29.89
N GLN B 309 2.30 -26.85 -28.58
CA GLN B 309 1.24 -27.66 -27.96
C GLN B 309 0.64 -26.99 -26.74
N ALA B 310 -0.52 -27.47 -26.32
CA ALA B 310 -1.15 -26.99 -25.10
C ALA B 310 -0.91 -27.97 -23.96
N LEU B 311 -0.11 -27.55 -22.98
CA LEU B 311 0.22 -28.38 -21.83
C LEU B 311 -0.78 -28.13 -20.71
N PRO B 312 -1.39 -29.21 -20.19
CA PRO B 312 -2.38 -29.03 -19.11
C PRO B 312 -1.75 -28.39 -17.87
N VAL B 313 -2.38 -27.32 -17.39
CA VAL B 313 -1.89 -26.59 -16.23
C VAL B 313 -2.29 -27.28 -14.93
N ALA B 314 -3.52 -27.76 -14.87
CA ALA B 314 -4.08 -28.24 -13.62
C ALA B 314 -4.04 -29.76 -13.45
N GLY B 315 -3.56 -30.20 -12.29
CA GLY B 315 -2.84 -29.30 -11.40
C GLY B 315 -1.33 -29.44 -11.51
N GLY B 316 -0.61 -28.34 -11.31
CA GLY B 316 0.79 -28.36 -10.93
C GLY B 316 1.81 -28.96 -11.90
N LEU B 317 1.35 -29.46 -13.05
CA LEU B 317 2.22 -30.21 -13.94
C LEU B 317 3.34 -29.35 -14.56
N PRO B 318 3.00 -28.24 -15.24
CA PRO B 318 4.11 -27.45 -15.80
C PRO B 318 4.90 -26.72 -14.73
N SER B 319 4.30 -26.55 -13.55
CA SER B 319 4.92 -25.78 -12.47
C SER B 319 6.01 -26.54 -11.74
N ASN B 320 6.02 -27.87 -11.93
CA ASN B 320 6.99 -28.72 -11.24
C ASN B 320 8.24 -28.95 -12.07
N LEU B 321 8.27 -28.37 -13.26
CA LEU B 321 9.41 -28.53 -14.17
C LEU B 321 10.31 -27.30 -14.10
N TRP B 322 9.81 -26.18 -14.60
CA TRP B 322 10.52 -24.91 -14.50
C TRP B 322 9.82 -24.02 -13.47
N GLU B 323 10.47 -23.82 -12.33
CA GLU B 323 9.90 -23.00 -11.28
C GLU B 323 10.11 -21.52 -11.58
N GLY B 324 9.21 -20.68 -11.06
CA GLY B 324 9.22 -19.26 -11.37
C GLY B 324 8.19 -18.94 -12.42
N LEU B 325 7.34 -19.93 -12.71
CA LEU B 325 6.31 -19.81 -13.72
C LEU B 325 4.98 -19.40 -13.11
N ARG B 326 4.53 -18.19 -13.46
CA ARG B 326 3.24 -17.71 -12.99
C ARG B 326 2.09 -18.25 -13.84
N LEU B 327 1.09 -18.81 -13.18
CA LEU B 327 -0.09 -19.31 -13.87
C LEU B 327 -1.32 -18.48 -13.49
N GLY B 328 -2.27 -18.40 -14.41
CA GLY B 328 -3.42 -17.53 -14.26
C GLY B 328 -4.39 -17.66 -15.40
N PRO B 329 -5.21 -16.62 -15.61
CA PRO B 329 -6.24 -16.57 -16.66
C PRO B 329 -5.71 -16.91 -18.04
N LEU B 330 -4.57 -16.33 -18.41
CA LEU B 330 -3.94 -16.61 -19.69
C LEU B 330 -2.50 -17.07 -19.50
N ASN B 331 -2.19 -18.26 -20.01
CA ASN B 331 -0.86 -18.82 -19.89
C ASN B 331 -0.19 -19.02 -21.25
N LEU B 332 0.83 -18.22 -21.52
CA LEU B 332 1.55 -18.29 -22.78
C LEU B 332 3.05 -18.33 -22.51
N GLN B 333 3.69 -19.43 -22.89
CA GLN B 333 5.07 -19.67 -22.52
C GLN B 333 6.04 -19.09 -23.54
N ASP B 334 7.07 -18.42 -23.04
CA ASP B 334 8.15 -17.91 -23.88
C ASP B 334 8.91 -19.06 -24.52
N PRO B 335 9.24 -18.92 -25.82
CA PRO B 335 9.92 -19.97 -26.59
C PRO B 335 11.29 -20.35 -26.05
N PHE B 336 11.90 -19.47 -25.25
CA PHE B 336 13.26 -19.65 -24.77
C PHE B 336 13.31 -19.79 -23.25
N ASP B 337 12.84 -18.77 -22.53
CA ASP B 337 12.77 -18.86 -21.09
C ASP B 337 11.44 -19.51 -20.74
N LEU B 338 11.52 -20.72 -20.21
CA LEU B 338 10.34 -21.57 -20.04
C LEU B 338 9.67 -21.34 -18.69
N SER B 339 10.34 -20.58 -17.83
CA SER B 339 9.76 -20.22 -16.53
C SER B 339 8.99 -18.92 -16.65
N HIS B 340 8.93 -18.38 -17.86
CA HIS B 340 8.28 -17.09 -18.05
C HIS B 340 6.94 -17.20 -18.77
N ASN B 341 5.88 -16.77 -18.09
CA ASN B 341 4.60 -16.57 -18.76
C ASN B 341 4.52 -15.10 -19.19
N VAL B 342 4.55 -14.87 -20.50
CA VAL B 342 4.57 -13.51 -21.03
C VAL B 342 3.23 -12.81 -20.82
N ALA B 343 2.18 -13.61 -20.62
CA ALA B 343 0.84 -13.09 -20.41
C ALA B 343 0.47 -13.02 -18.91
N ALA B 344 1.43 -13.33 -18.04
CA ALA B 344 1.15 -13.50 -16.61
C ALA B 344 0.48 -12.29 -15.94
N ASN B 345 0.59 -11.13 -16.55
CA ASN B 345 -0.02 -9.92 -16.01
C ASN B 345 -1.51 -9.81 -16.33
N VAL B 346 -2.01 -10.68 -17.20
CA VAL B 346 -3.39 -10.59 -17.66
C VAL B 346 -4.38 -11.01 -16.58
N THR B 347 -5.29 -10.10 -16.23
CA THR B 347 -6.36 -10.40 -15.29
C THR B 347 -7.49 -11.16 -15.98
N SER B 348 -8.28 -11.89 -15.21
CA SER B 348 -9.37 -12.71 -15.74
C SER B 348 -10.36 -11.90 -16.57
N ARG B 349 -10.55 -10.64 -16.21
CA ARG B 349 -11.42 -9.75 -16.97
C ARG B 349 -10.87 -9.52 -18.38
N VAL B 350 -9.55 -9.41 -18.49
CA VAL B 350 -8.91 -9.15 -19.77
C VAL B 350 -8.95 -10.38 -20.68
N ALA B 351 -8.67 -11.55 -20.11
CA ALA B 351 -8.77 -12.80 -20.87
C ALA B 351 -10.21 -13.02 -21.33
N GLY B 352 -11.15 -12.73 -20.44
CA GLY B 352 -12.57 -12.83 -20.75
C GLY B 352 -12.96 -11.94 -21.91
N ARG B 353 -12.55 -10.68 -21.85
CA ARG B 353 -12.83 -9.73 -22.92
C ARG B 353 -12.17 -10.17 -24.22
N LEU B 354 -10.99 -10.77 -24.10
CA LEU B 354 -10.28 -11.29 -25.26
C LEU B 354 -11.12 -12.35 -25.96
N GLN B 355 -11.50 -13.38 -25.23
CA GLN B 355 -12.26 -14.48 -25.81
C GLN B 355 -13.63 -14.04 -26.31
N ASN B 356 -14.25 -13.09 -25.60
CA ASN B 356 -15.53 -12.54 -26.03
C ASN B 356 -15.40 -11.81 -27.36
N CYS B 357 -14.44 -10.89 -27.44
CA CYS B 357 -14.18 -10.14 -28.67
C CYS B 357 -13.83 -11.08 -29.82
N CYS B 358 -13.15 -12.18 -29.51
CA CYS B 358 -12.79 -13.15 -30.53
C CYS B 358 -14.01 -13.93 -31.00
N ARG B 359 -14.93 -14.20 -30.09
CA ARG B 359 -16.15 -14.90 -30.44
C ARG B 359 -17.03 -14.01 -31.33
N ALA B 360 -17.09 -12.73 -31.00
CA ALA B 360 -17.83 -11.76 -31.80
C ALA B 360 -17.20 -11.59 -33.17
N ALA B 361 -15.87 -11.50 -33.20
CA ALA B 361 -15.13 -11.35 -34.45
C ALA B 361 -15.32 -12.57 -35.34
N ALA B 362 -15.36 -13.75 -34.73
CA ALA B 362 -15.60 -14.98 -35.47
C ALA B 362 -17.01 -14.99 -36.03
N ASN B 363 -17.96 -14.50 -35.25
CA ASN B 363 -19.34 -14.36 -35.72
C ASN B 363 -19.42 -13.41 -36.92
N TYR B 364 -18.59 -12.37 -36.90
CA TYR B 364 -18.57 -11.43 -38.01
C TYR B 364 -17.92 -12.04 -39.25
N CYS B 365 -16.87 -12.82 -39.05
CA CYS B 365 -16.15 -13.41 -40.17
C CYS B 365 -16.98 -14.43 -40.93
N ARG B 366 -18.07 -14.88 -40.33
CA ARG B 366 -19.01 -15.75 -41.03
C ARG B 366 -19.99 -14.95 -41.87
N SER B 367 -20.09 -13.65 -41.59
CA SER B 367 -21.06 -12.80 -42.29
C SER B 367 -20.62 -12.48 -43.71
N LEU B 368 -21.58 -12.11 -44.55
CA LEU B 368 -21.33 -11.81 -45.95
C LEU B 368 -20.51 -10.53 -46.11
N GLN B 369 -20.54 -9.69 -45.10
CA GLN B 369 -19.81 -8.42 -45.12
C GLN B 369 -18.30 -8.65 -45.15
N TYR B 370 -17.86 -9.72 -44.49
CA TYR B 370 -16.43 -10.04 -44.39
C TYR B 370 -15.89 -10.76 -45.61
N GLN B 371 -16.64 -11.74 -46.12
CA GLN B 371 -16.13 -12.64 -47.15
C GLN B 371 -16.13 -12.05 -48.55
N ARG B 372 -17.10 -11.18 -48.84
CA ARG B 372 -17.18 -10.57 -50.17
C ARG B 372 -16.94 -9.07 -50.08
N ARG B 373 -16.46 -8.49 -51.19
CA ARG B 373 -16.19 -7.06 -51.24
C ARG B 373 -17.49 -6.29 -51.33
N SER B 374 -17.40 -4.97 -51.29
CA SER B 374 -18.56 -4.11 -51.51
C SER B 374 -18.46 -3.49 -52.89
N SER B 375 -19.61 -3.30 -53.54
CA SER B 375 -19.66 -2.71 -54.87
C SER B 375 -18.97 -1.35 -54.89
N ARG B 376 -19.61 -0.35 -54.27
CA ARG B 376 -19.00 0.97 -54.13
C ARG B 376 -19.19 1.56 -52.74
N GLY B 377 -18.08 1.75 -52.02
CA GLY B 377 -18.06 2.58 -50.83
C GLY B 377 -18.41 1.95 -49.49
N ARG B 378 -19.13 0.84 -49.50
CA ARG B 378 -19.59 0.23 -48.25
C ARG B 378 -18.47 -0.42 -47.47
N ASP B 379 -18.62 -0.44 -46.14
CA ASP B 379 -17.63 -1.07 -45.27
C ASP B 379 -17.67 -2.58 -45.41
N TRP B 380 -16.50 -3.17 -45.62
CA TRP B 380 -16.39 -4.61 -45.85
C TRP B 380 -15.07 -5.15 -45.34
N GLY B 381 -15.02 -6.46 -45.08
CA GLY B 381 -13.78 -7.11 -44.70
C GLY B 381 -13.19 -6.62 -43.38
N LEU B 382 -11.95 -6.16 -43.45
CA LEU B 382 -11.20 -5.75 -42.27
C LEU B 382 -11.75 -4.50 -41.59
N LEU B 383 -12.55 -3.71 -42.32
CA LEU B 383 -12.98 -2.40 -41.84
C LEU B 383 -13.81 -2.44 -40.55
N PRO B 384 -14.83 -3.31 -40.46
CA PRO B 384 -15.54 -3.36 -39.17
C PRO B 384 -14.68 -3.91 -38.04
N LEU B 385 -13.71 -4.75 -38.37
CA LEU B 385 -12.81 -5.33 -37.36
C LEU B 385 -11.86 -4.28 -36.80
N LEU B 386 -11.37 -3.39 -37.66
CA LEU B 386 -10.38 -2.40 -37.27
C LEU B 386 -11.01 -1.09 -36.79
N GLN B 387 -12.32 -0.96 -36.97
CA GLN B 387 -13.04 0.22 -36.50
C GLN B 387 -13.14 0.21 -34.98
N PRO B 388 -13.07 1.39 -34.36
CA PRO B 388 -13.12 1.52 -32.90
C PRO B 388 -14.37 0.91 -32.29
N SER B 389 -14.24 0.33 -31.11
CA SER B 389 -15.34 -0.37 -30.47
C SER B 389 -16.35 0.58 -29.83
N SER B 390 -17.63 0.29 -30.03
CA SER B 390 -18.69 1.04 -29.37
C SER B 390 -18.62 0.81 -27.87
N PRO B 391 -18.85 1.87 -27.07
CA PRO B 391 -18.89 1.77 -25.61
C PRO B 391 -19.89 0.71 -25.13
N SER B 392 -20.95 0.49 -25.91
CA SER B 392 -21.88 -0.58 -25.63
C SER B 392 -21.20 -1.93 -25.83
N SER B 393 -20.46 -2.05 -26.93
CA SER B 393 -19.72 -3.27 -27.22
C SER B 393 -18.48 -3.37 -26.34
N LEU B 394 -17.85 -2.24 -26.08
CA LEU B 394 -16.68 -2.17 -25.21
C LEU B 394 -17.03 -2.62 -23.79
N LEU B 395 -18.22 -2.27 -23.33
CA LEU B 395 -18.68 -2.69 -22.01
C LEU B 395 -19.18 -4.13 -22.03
N SER B 396 -19.91 -4.50 -23.07
CA SER B 396 -20.49 -5.84 -23.15
C SER B 396 -19.42 -6.90 -23.35
N ALA B 397 -18.24 -6.48 -23.80
CA ALA B 397 -17.14 -7.41 -24.03
C ALA B 397 -16.45 -7.81 -22.73
N THR B 398 -16.22 -6.83 -21.86
CA THR B 398 -15.53 -7.09 -20.59
C THR B 398 -16.52 -7.53 -19.51
N PRO B 399 -16.37 -8.77 -19.04
CA PRO B 399 -17.28 -9.42 -18.08
C PRO B 399 -17.18 -8.88 -16.65
N ILE B 400 -18.19 -9.15 -15.85
CA ILE B 400 -18.22 -8.72 -14.46
C ILE B 400 -17.81 -9.85 -13.53
N PRO B 401 -16.67 -9.68 -12.83
CA PRO B 401 -16.19 -10.71 -11.90
C PRO B 401 -17.13 -10.92 -10.72
N LEU B 402 -17.44 -12.18 -10.42
CA LEU B 402 -18.36 -12.51 -9.35
C LEU B 402 -17.66 -13.31 -8.26
N PRO B 403 -18.14 -13.20 -7.01
CA PRO B 403 -17.58 -13.94 -5.87
C PRO B 403 -17.57 -15.44 -6.09
N LEU B 404 -16.58 -16.13 -5.51
CA LEU B 404 -16.48 -17.58 -5.64
C LEU B 404 -17.66 -18.29 -4.98
N ALA B 405 -18.19 -19.28 -5.68
CA ALA B 405 -19.36 -20.04 -5.24
C ALA B 405 -19.63 -21.16 -6.24
N PRO B 406 -20.21 -22.27 -5.76
CA PRO B 406 -20.60 -23.37 -6.66
C PRO B 406 -21.44 -22.86 -7.83
N PHE B 407 -21.13 -23.33 -9.03
CA PHE B 407 -21.72 -22.81 -10.26
C PHE B 407 -23.25 -22.83 -10.24
N THR B 408 -23.82 -23.94 -9.79
CA THR B 408 -25.26 -24.06 -9.68
C THR B 408 -25.83 -23.06 -8.69
N GLN B 409 -25.21 -22.99 -7.51
CA GLN B 409 -25.63 -22.05 -6.48
C GLN B 409 -25.48 -20.60 -6.95
N LEU B 410 -24.44 -20.35 -7.74
CA LEU B 410 -24.19 -19.00 -8.24
C LEU B 410 -25.24 -18.60 -9.28
N THR B 411 -25.59 -19.53 -10.16
CA THR B 411 -26.60 -19.26 -11.19
C THR B 411 -27.97 -19.06 -10.56
N ALA B 412 -28.29 -19.89 -9.56
CA ALA B 412 -29.55 -19.77 -8.84
C ALA B 412 -29.60 -18.45 -8.07
N ALA B 413 -28.47 -18.08 -7.48
CA ALA B 413 -28.37 -16.82 -6.76
C ALA B 413 -28.57 -15.65 -7.71
N LEU B 414 -28.04 -15.79 -8.93
CA LEU B 414 -28.13 -14.74 -9.93
C LEU B 414 -29.55 -14.58 -10.46
N VAL B 415 -30.23 -15.69 -10.73
CA VAL B 415 -31.61 -15.61 -11.20
C VAL B 415 -32.50 -15.10 -10.06
N GLN B 416 -32.07 -15.34 -8.82
CA GLN B 416 -32.76 -14.75 -7.68
C GLN B 416 -32.57 -13.23 -7.68
N VAL B 417 -31.33 -12.79 -7.84
CA VAL B 417 -31.01 -11.36 -7.82
C VAL B 417 -31.71 -10.61 -8.95
N PHE B 418 -31.87 -11.27 -10.09
CA PHE B 418 -32.56 -10.64 -11.22
C PHE B 418 -34.09 -10.68 -11.09
N ARG B 419 -34.63 -11.84 -10.70
CA ARG B 419 -36.08 -12.00 -10.64
C ARG B 419 -36.67 -11.17 -9.50
N GLU B 420 -36.08 -11.29 -8.31
CA GLU B 420 -36.45 -10.45 -7.19
C GLU B 420 -35.26 -9.56 -6.84
N ALA B 421 -35.54 -8.41 -6.21
CA ALA B 421 -34.57 -7.32 -5.97
C ALA B 421 -34.32 -6.54 -7.26
N LEU B 422 -34.77 -7.09 -8.38
CA LEU B 422 -34.82 -6.40 -9.66
C LEU B 422 -36.12 -6.80 -10.36
N GLY B 423 -36.65 -5.92 -11.21
CA GLY B 423 -37.91 -6.18 -11.87
C GLY B 423 -37.78 -6.99 -13.14
N CYS B 424 -36.65 -7.68 -13.29
CA CYS B 424 -36.33 -8.38 -14.52
C CYS B 424 -37.27 -9.54 -14.83
N HIS B 425 -37.69 -9.62 -16.09
CA HIS B 425 -38.41 -10.78 -16.60
C HIS B 425 -37.40 -11.68 -17.32
N ILE B 426 -37.16 -12.86 -16.75
CA ILE B 426 -36.07 -13.71 -17.22
C ILE B 426 -36.54 -15.03 -17.82
N GLU B 427 -35.76 -15.52 -18.77
CA GLU B 427 -35.92 -16.90 -19.24
C GLU B 427 -34.59 -17.45 -19.74
N GLN B 428 -34.58 -18.70 -20.18
CA GLN B 428 -33.35 -19.36 -20.60
C GLN B 428 -33.02 -19.06 -22.06
N SER B 454 -21.89 -23.50 -19.82
CA SER B 454 -22.20 -22.19 -19.26
C SER B 454 -23.69 -22.05 -19.00
N ALA B 455 -24.11 -20.89 -18.47
CA ALA B 455 -25.52 -20.65 -18.23
C ALA B 455 -25.92 -19.24 -18.65
N SER B 456 -26.90 -19.12 -19.55
CA SER B 456 -27.30 -17.82 -20.07
C SER B 456 -28.79 -17.55 -19.85
N TRP B 457 -29.12 -16.28 -19.66
CA TRP B 457 -30.51 -15.87 -19.51
C TRP B 457 -30.83 -14.60 -20.29
N ARG B 458 -32.06 -14.52 -20.78
CA ARG B 458 -32.58 -13.32 -21.43
C ARG B 458 -33.41 -12.56 -20.39
N CYS B 459 -33.05 -11.31 -20.17
CA CYS B 459 -33.69 -10.46 -19.18
C CYS B 459 -34.37 -9.26 -19.83
N ALA B 460 -35.52 -8.89 -19.29
CA ALA B 460 -36.27 -7.74 -19.79
C ALA B 460 -36.62 -6.78 -18.66
N LEU B 461 -36.37 -5.50 -18.88
CA LEU B 461 -36.67 -4.46 -17.91
C LEU B 461 -37.56 -3.38 -18.51
N TRP B 462 -38.69 -3.12 -17.85
CA TRP B 462 -39.62 -2.09 -18.29
C TRP B 462 -39.42 -0.76 -17.56
N HIS B 463 -38.46 -0.71 -16.65
CA HIS B 463 -38.30 0.48 -15.81
C HIS B 463 -36.88 1.00 -15.66
N ARG B 464 -36.75 2.02 -14.82
CA ARG B 464 -35.51 2.76 -14.56
C ARG B 464 -34.71 2.15 -13.42
N VAL B 465 -35.07 0.94 -13.02
CA VAL B 465 -34.74 0.36 -11.73
C VAL B 465 -33.27 0.52 -11.28
N TRP B 466 -32.34 0.69 -12.20
CA TRP B 466 -30.95 0.94 -11.83
C TRP B 466 -30.75 2.34 -11.25
N GLN B 467 -31.53 3.30 -11.72
CA GLN B 467 -31.34 4.70 -11.34
C GLN B 467 -32.44 5.21 -10.40
N GLY B 468 -32.04 5.94 -9.37
CA GLY B 468 -32.98 6.57 -8.45
C GLY B 468 -33.24 5.79 -7.19
N ARG B 469 -32.38 4.80 -6.90
CA ARG B 469 -32.55 3.94 -5.76
C ARG B 469 -32.28 4.67 -4.45
N ARG B 470 -31.50 5.75 -4.53
CA ARG B 470 -31.12 6.55 -3.37
C ARG B 470 -32.34 7.19 -2.70
N ARG B 471 -33.12 7.90 -3.50
CA ARG B 471 -34.33 8.57 -3.02
C ARG B 471 -35.31 7.58 -2.38
N ALA B 472 -35.51 6.45 -3.05
CA ALA B 472 -36.43 5.43 -2.56
C ALA B 472 -35.93 4.81 -1.26
N ARG B 473 -34.61 4.61 -1.17
CA ARG B 473 -34.01 4.04 0.03
C ARG B 473 -34.15 4.99 1.22
N ARG B 474 -33.88 6.27 0.98
CA ARG B 474 -34.06 7.30 2.00
C ARG B 474 -35.51 7.36 2.47
N ARG B 475 -36.42 7.42 1.49
CA ARG B 475 -37.84 7.50 1.76
C ARG B 475 -38.33 6.31 2.59
N LEU B 476 -37.83 5.12 2.25
CA LEU B 476 -38.20 3.91 2.97
C LEU B 476 -37.64 3.89 4.38
N GLN B 477 -36.40 4.34 4.53
CA GLN B 477 -35.75 4.35 5.84
C GLN B 477 -36.36 5.39 6.78
N GLN B 478 -36.86 6.47 6.22
CA GLN B 478 -37.56 7.48 7.00
C GLN B 478 -38.99 7.01 7.29
N GLN B 479 -39.55 6.23 6.37
CA GLN B 479 -40.90 5.70 6.54
C GLN B 479 -40.97 4.70 7.69
N THR B 480 -39.82 4.19 8.10
CA THR B 480 -39.75 3.18 9.14
C THR B 480 -39.65 3.84 10.53
N LYS B 481 -39.68 5.17 10.55
CA LYS B 481 -39.66 5.92 11.80
C LYS B 481 -40.71 7.03 11.79
N GLY B 493 -30.42 -7.39 6.49
CA GLY B 493 -30.67 -8.41 5.49
C GLY B 493 -30.50 -7.91 4.07
N TRP B 494 -30.79 -8.78 3.12
CA TRP B 494 -30.65 -8.47 1.70
C TRP B 494 -31.59 -9.36 0.90
N LEU B 495 -31.37 -9.43 -0.42
CA LEU B 495 -32.30 -10.09 -1.34
C LEU B 495 -33.66 -9.40 -1.28
N ALA B 496 -34.67 -10.12 -0.79
CA ALA B 496 -36.05 -9.61 -0.73
C ALA B 496 -36.16 -8.19 -0.18
N THR B 497 -35.37 -7.87 0.84
CA THR B 497 -35.35 -6.52 1.40
C THR B 497 -35.09 -5.49 0.32
N GLU B 498 -34.00 -5.69 -0.42
CA GLU B 498 -33.63 -4.81 -1.53
C GLU B 498 -34.77 -4.69 -2.54
N ALA B 499 -35.57 -5.74 -2.68
CA ALA B 499 -36.67 -5.72 -3.65
C ALA B 499 -37.65 -4.60 -3.36
N GLN B 500 -37.78 -4.24 -2.09
CA GLN B 500 -38.60 -3.10 -1.71
C GLN B 500 -38.13 -1.87 -2.48
N VAL B 501 -36.84 -1.57 -2.33
CA VAL B 501 -36.21 -0.44 -3.02
C VAL B 501 -36.43 -0.54 -4.53
N THR B 502 -36.59 -1.77 -5.01
CA THR B 502 -36.91 -2.00 -6.41
C THR B 502 -38.38 -1.64 -6.66
N GLN B 503 -39.27 -2.34 -5.97
CA GLN B 503 -40.70 -2.23 -6.23
C GLN B 503 -41.25 -0.85 -5.90
N GLU B 504 -40.48 -0.07 -5.14
CA GLU B 504 -40.90 1.28 -4.77
C GLU B 504 -40.34 2.33 -5.75
N LEU B 505 -39.63 1.87 -6.77
CA LEU B 505 -39.10 2.76 -7.80
C LEU B 505 -40.12 3.02 -8.89
N LYS B 506 -41.30 2.42 -8.73
CA LYS B 506 -42.37 2.55 -9.72
C LYS B 506 -43.74 2.55 -9.07
N THR B 517 -47.05 -3.86 -24.11
CA THR B 517 -46.04 -3.91 -23.06
C THR B 517 -44.67 -4.26 -23.64
N GLU B 518 -44.10 -3.32 -24.40
CA GLU B 518 -42.77 -3.50 -24.98
C GLU B 518 -41.71 -3.12 -23.96
N PRO B 519 -40.68 -3.98 -23.79
CA PRO B 519 -39.61 -3.77 -22.82
C PRO B 519 -38.88 -2.45 -23.02
N LEU B 520 -38.63 -1.73 -21.93
CA LEU B 520 -37.83 -0.51 -21.98
C LEU B 520 -36.46 -0.87 -22.54
N LEU B 521 -35.83 -1.86 -21.92
CA LEU B 521 -34.58 -2.38 -22.43
C LEU B 521 -34.48 -3.87 -22.12
N SER B 522 -33.97 -4.64 -23.07
CA SER B 522 -33.75 -6.07 -22.87
C SER B 522 -32.31 -6.41 -23.16
N PHE B 523 -31.84 -7.54 -22.64
CA PHE B 523 -30.42 -7.84 -22.64
C PHE B 523 -30.13 -9.25 -22.14
N VAL B 524 -28.92 -9.72 -22.40
CA VAL B 524 -28.54 -11.09 -22.05
C VAL B 524 -27.46 -11.15 -20.97
N ALA B 525 -27.64 -12.02 -19.99
CA ALA B 525 -26.64 -12.21 -18.94
C ALA B 525 -26.21 -13.68 -18.87
N SER B 526 -24.92 -13.92 -19.09
CA SER B 526 -24.41 -15.29 -19.13
C SER B 526 -23.15 -15.49 -18.28
N VAL B 527 -23.08 -16.63 -17.60
CA VAL B 527 -21.94 -16.98 -16.75
C VAL B 527 -21.21 -18.20 -17.28
N SER B 528 -19.88 -18.12 -17.32
CA SER B 528 -19.03 -19.23 -17.70
C SER B 528 -18.69 -20.08 -16.47
N PRO B 529 -18.59 -21.41 -16.66
CA PRO B 529 -18.30 -22.32 -15.56
C PRO B 529 -16.94 -22.05 -14.89
N ALA B 530 -15.90 -21.88 -15.69
CA ALA B 530 -14.57 -21.60 -15.15
C ALA B 530 -13.85 -20.50 -15.93
N ASP B 531 -13.54 -19.40 -15.25
CA ASP B 531 -13.97 -19.18 -13.88
C ASP B 531 -15.36 -18.54 -13.90
N ARG B 532 -15.83 -18.08 -12.75
CA ARG B 532 -17.18 -17.55 -12.68
C ARG B 532 -17.20 -16.04 -12.91
N MET B 533 -17.69 -15.64 -14.08
CA MET B 533 -17.77 -14.24 -14.47
C MET B 533 -19.04 -14.03 -15.28
N LEU B 534 -19.75 -12.94 -15.00
CA LEU B 534 -21.00 -12.68 -15.71
C LEU B 534 -20.80 -11.72 -16.88
N THR B 535 -21.18 -12.17 -18.07
CA THR B 535 -21.12 -11.33 -19.26
C THR B 535 -22.51 -10.77 -19.57
N VAL B 536 -22.61 -9.45 -19.58
CA VAL B 536 -23.90 -8.80 -19.82
C VAL B 536 -23.89 -8.06 -21.14
N THR B 537 -24.68 -8.54 -22.10
CA THR B 537 -24.73 -7.96 -23.43
C THR B 537 -26.13 -7.46 -23.76
N PRO B 538 -26.23 -6.35 -24.52
CA PRO B 538 -27.52 -5.73 -24.81
C PRO B 538 -28.30 -6.45 -25.90
N LEU B 539 -29.63 -6.35 -25.83
CA LEU B 539 -30.50 -6.87 -26.89
C LEU B 539 -31.28 -5.73 -27.51
N GLN B 540 -32.24 -5.21 -26.76
CA GLN B 540 -33.05 -4.10 -27.25
C GLN B 540 -32.84 -2.86 -26.39
N ASP B 541 -32.25 -1.83 -26.99
CA ASP B 541 -31.89 -0.62 -26.24
C ASP B 541 -32.27 0.64 -27.01
N PRO B 542 -33.58 0.95 -27.06
CA PRO B 542 -34.09 2.09 -27.83
C PRO B 542 -33.58 3.44 -27.33
N GLN B 543 -33.50 3.61 -26.01
CA GLN B 543 -33.08 4.90 -25.45
C GLN B 543 -31.58 4.92 -25.12
N GLY B 544 -30.89 3.82 -25.38
CA GLY B 544 -29.46 3.74 -25.16
C GLY B 544 -29.04 3.92 -23.71
N LEU B 545 -29.76 3.26 -22.80
CA LEU B 545 -29.49 3.37 -21.38
C LEU B 545 -28.62 2.21 -20.88
N PHE B 546 -28.21 1.35 -21.80
CA PHE B 546 -27.48 0.13 -21.44
C PHE B 546 -26.19 0.32 -20.63
N PRO B 547 -25.36 1.35 -20.94
CA PRO B 547 -24.15 1.49 -20.13
C PRO B 547 -24.43 1.80 -18.66
N ASP B 548 -25.45 2.61 -18.38
CA ASP B 548 -25.86 2.89 -17.02
C ASP B 548 -26.19 1.60 -16.28
N LEU B 549 -27.02 0.78 -16.90
CA LEU B 549 -27.39 -0.51 -16.35
C LEU B 549 -26.17 -1.41 -16.15
N HIS B 550 -25.20 -1.31 -17.05
CA HIS B 550 -24.03 -2.18 -16.98
C HIS B 550 -23.13 -1.80 -15.81
N HIS B 551 -22.87 -0.52 -15.63
CA HIS B 551 -22.09 -0.05 -14.48
C HIS B 551 -22.82 -0.37 -13.19
N PHE B 552 -24.12 -0.10 -13.18
CA PHE B 552 -24.95 -0.40 -12.02
C PHE B 552 -24.87 -1.88 -11.64
N LEU B 553 -24.86 -2.75 -12.64
CA LEU B 553 -24.79 -4.18 -12.39
C LEU B 553 -23.38 -4.58 -11.92
N GLN B 554 -22.38 -3.91 -12.47
CA GLN B 554 -21.00 -4.08 -12.04
C GLN B 554 -20.86 -3.85 -10.54
N VAL B 555 -21.55 -2.83 -10.04
CA VAL B 555 -21.53 -2.56 -8.60
C VAL B 555 -22.48 -3.46 -7.79
N PHE B 556 -23.68 -3.65 -8.31
CA PHE B 556 -24.79 -4.26 -7.57
C PHE B 556 -24.69 -5.77 -7.46
N LEU B 557 -24.41 -6.45 -8.57
CA LEU B 557 -24.42 -7.91 -8.60
C LEU B 557 -23.41 -8.57 -7.66
N PRO B 558 -22.15 -8.08 -7.65
CA PRO B 558 -21.20 -8.69 -6.71
C PRO B 558 -21.60 -8.49 -5.25
N GLN B 559 -22.19 -7.35 -4.95
CA GLN B 559 -22.70 -7.05 -3.61
C GLN B 559 -23.83 -8.01 -3.24
N ALA B 560 -24.77 -8.21 -4.17
CA ALA B 560 -25.91 -9.06 -3.95
C ALA B 560 -25.48 -10.51 -3.70
N ILE B 561 -24.59 -11.00 -4.56
CA ILE B 561 -24.03 -12.34 -4.41
C ILE B 561 -23.29 -12.46 -3.08
N ARG B 562 -22.60 -11.39 -2.71
CA ARG B 562 -21.83 -11.37 -1.46
C ARG B 562 -22.75 -11.53 -0.26
N HIS B 563 -23.88 -10.83 -0.28
CA HIS B 563 -24.83 -10.92 0.81
C HIS B 563 -25.60 -12.25 0.77
N LEU B 564 -25.65 -12.86 -0.41
CA LEU B 564 -26.32 -14.14 -0.56
C LEU B 564 -25.47 -15.30 -0.05
N LYS B 565 -24.15 -15.13 -0.13
CA LYS B 565 -23.23 -16.14 0.39
C LYS B 565 -23.21 -16.14 1.92
N LEU B 566 -23.41 -14.96 2.50
CA LEU B 566 -23.30 -14.79 3.95
C LEU B 566 -24.62 -15.04 4.66
N GLU B 567 -25.68 -15.32 3.90
CA GLU B 567 -26.95 -15.71 4.48
C GLU B 567 -26.89 -17.16 4.96
N HIS B 568 -25.80 -17.84 4.63
CA HIS B 568 -25.59 -19.22 5.08
C HIS B 568 -24.94 -19.25 6.46
#